data_8ZTG
#
_entry.id   8ZTG
#
_cell.length_a   1.00
_cell.length_b   1.00
_cell.length_c   1.00
_cell.angle_alpha   90.00
_cell.angle_beta   90.00
_cell.angle_gamma   90.00
#
_symmetry.space_group_name_H-M   'P 1'
#
loop_
_entity.id
_entity.type
_entity.pdbx_description
1 polymer 'Aluminum-activated malate transporter 9'
2 non-polymer 'CHOLESTEROL HEMISUCCINATE'
3 non-polymer D-MALATE
4 non-polymer 1,2-DIACYL-GLYCEROL-3-SN-PHOSPHATE
5 water water
#
_entity_poly.entity_id   1
_entity_poly.type   'polypeptide(L)'
_entity_poly.pdbx_seq_one_letter_code
;MAAKQGSFRHGILEKRERLLSNNGFSDFRFTDIESNDLLENENCGRRTRLCCCCSCGNLSEKISGVYDDAKDVARKAWEM
GVSDPRKIVFSAKIGLALTIVALLIFYQEPNPDLSRYSVWAILTVVVVFEFTIGATLSKGFNRALGTLSAGGLALGMAEL
STLFGDWEEIFCTLSIFCIGFLATFMKLYPSMKAYEYGFRVFLLTYCYILISGFRTGQFIEVAISRFLLIALGAGVSLGV
NMFIYPIWAGEDLHNLVVKNFMNVATSLEGCVNGYLRCLEYERIPSKILTYQASEDPVYKGYRSAVESTSQEESLMSFAI
WEPPHGPYKSFNYPWKNYVKLSGALKHCAFTVMALHGCILSEIQAPEERRQVFRQELQRVGVEGAKLLRELGEKVKKMEK
LGPVDLLFEVHLAAEELQHKIDKKSYLLVNSECWEIGNRATKESEPQELLSLEDSDPPENHAPPIYAFKSLSEAVLEIPP
SWGEKNHREALNHRPTFSKQVSWPARLVLPPHLETTNGASPLVETTKTYESASALSLATFASLLIEFVARLQNVVDAFKE
LSQKANFKEPEIVTTGTDVEFSGERVGLGQKIRRCFGM
;
_entity_poly.pdbx_strand_id   A,B
#
# COMPACT_ATOMS: atom_id res chain seq x y z
N MET A 80 13.40 -15.48 8.41
CA MET A 80 14.64 -14.71 8.48
C MET A 80 15.69 -15.39 7.63
N GLY A 81 16.02 -16.62 8.02
CA GLY A 81 17.00 -17.44 7.34
C GLY A 81 16.39 -18.70 6.75
N VAL A 82 15.15 -18.99 7.10
CA VAL A 82 14.46 -20.17 6.56
C VAL A 82 13.14 -19.81 5.89
N SER A 83 12.54 -18.67 6.22
CA SER A 83 11.30 -18.27 5.59
C SER A 83 11.49 -18.03 4.10
N ASP A 84 12.58 -17.37 3.71
CA ASP A 84 12.80 -17.10 2.29
C ASP A 84 14.29 -17.27 1.99
N PRO A 85 14.69 -18.42 1.45
CA PRO A 85 16.11 -18.61 1.11
C PRO A 85 16.61 -17.64 0.06
N ARG A 86 15.74 -17.15 -0.82
CA ARG A 86 16.18 -16.24 -1.88
C ARG A 86 16.82 -14.99 -1.31
N LYS A 87 16.29 -14.50 -0.18
CA LYS A 87 16.85 -13.32 0.46
C LYS A 87 18.31 -13.50 0.87
N ILE A 88 18.76 -14.75 1.02
CA ILE A 88 20.15 -15.01 1.35
C ILE A 88 21.05 -15.12 0.11
N VAL A 89 20.47 -15.39 -1.05
CA VAL A 89 21.23 -15.51 -2.30
C VAL A 89 21.34 -14.16 -3.02
N PHE A 90 20.28 -13.36 -2.98
CA PHE A 90 20.30 -12.06 -3.64
C PHE A 90 21.40 -11.19 -3.06
N SER A 91 21.39 -11.06 -1.73
CA SER A 91 22.37 -10.23 -1.02
C SER A 91 23.80 -10.64 -1.39
N ALA A 92 24.07 -11.95 -1.29
CA ALA A 92 25.37 -12.48 -1.66
C ALA A 92 25.75 -12.05 -3.06
N LYS A 93 24.80 -12.17 -4.01
CA LYS A 93 25.06 -11.73 -5.38
C LYS A 93 25.54 -10.29 -5.40
N ILE A 94 24.79 -9.43 -4.71
CA ILE A 94 25.18 -8.02 -4.58
C ILE A 94 26.63 -7.90 -4.15
N GLY A 95 26.95 -8.52 -3.02
CA GLY A 95 28.32 -8.48 -2.52
C GLY A 95 29.32 -8.91 -3.58
N LEU A 96 29.05 -10.03 -4.24
CA LEU A 96 29.90 -10.55 -5.29
C LEU A 96 30.14 -9.48 -6.35
N ALA A 97 29.07 -8.86 -6.85
CA ALA A 97 29.21 -7.81 -7.85
C ALA A 97 30.18 -6.73 -7.36
N LEU A 98 29.94 -6.23 -6.15
CA LEU A 98 30.81 -5.21 -5.57
C LEU A 98 32.27 -5.65 -5.60
N THR A 99 32.52 -6.86 -5.09
CA THR A 99 33.89 -7.40 -5.05
C THR A 99 34.50 -7.36 -6.45
N ILE A 100 33.76 -7.85 -7.45
CA ILE A 100 34.27 -7.88 -8.82
C ILE A 100 34.68 -6.49 -9.26
N VAL A 101 33.81 -5.51 -9.01
CA VAL A 101 34.14 -4.14 -9.40
C VAL A 101 35.45 -3.70 -8.75
N ALA A 102 35.57 -3.93 -7.44
CA ALA A 102 36.80 -3.57 -6.73
C ALA A 102 38.01 -4.21 -7.39
N LEU A 103 37.94 -5.52 -7.64
CA LEU A 103 39.04 -6.24 -8.26
C LEU A 103 39.42 -5.59 -9.57
N LEU A 104 38.43 -5.24 -10.39
CA LEU A 104 38.68 -4.60 -11.68
C LEU A 104 39.46 -3.31 -11.48
N ILE A 105 39.00 -2.47 -10.57
CA ILE A 105 39.67 -1.20 -10.34
C ILE A 105 41.09 -1.43 -9.81
N PHE A 106 41.30 -2.53 -9.09
CA PHE A 106 42.65 -2.83 -8.61
C PHE A 106 43.57 -3.35 -9.71
N TYR A 107 42.99 -3.98 -10.75
CA TYR A 107 43.83 -4.55 -11.80
C TYR A 107 44.45 -3.49 -12.70
N GLN A 108 43.82 -2.33 -12.83
CA GLN A 108 44.36 -1.28 -13.68
C GLN A 108 45.61 -0.68 -13.05
N GLU A 109 46.45 -0.08 -13.91
CA GLU A 109 47.69 0.55 -13.49
C GLU A 109 47.40 1.71 -12.54
N PRO A 110 48.42 2.31 -11.93
CA PRO A 110 48.17 3.39 -10.98
C PRO A 110 47.68 4.66 -11.67
N ASN A 111 46.50 4.58 -12.27
CA ASN A 111 45.91 5.74 -12.92
C ASN A 111 45.39 6.70 -11.87
N PRO A 112 45.82 7.97 -11.90
CA PRO A 112 45.35 8.92 -10.87
C PRO A 112 43.95 9.45 -11.12
N ASP A 113 43.35 9.16 -12.28
CA ASP A 113 42.01 9.62 -12.60
C ASP A 113 41.03 8.46 -12.75
N LEU A 114 41.48 7.22 -12.58
CA LEU A 114 40.61 6.07 -12.59
C LEU A 114 40.23 5.63 -11.18
N SER A 115 40.79 6.25 -10.16
CA SER A 115 40.54 5.88 -8.77
C SER A 115 39.72 6.91 -8.02
N ARG A 116 39.69 8.14 -8.47
CA ARG A 116 38.95 9.19 -7.79
C ARG A 116 37.54 9.34 -8.33
N TYR A 117 37.22 8.71 -9.45
CA TYR A 117 35.88 8.72 -10.02
C TYR A 117 35.21 7.37 -9.82
N SER A 118 35.64 6.61 -8.80
CA SER A 118 35.10 5.28 -8.56
C SER A 118 33.87 5.28 -7.65
N VAL A 119 33.34 6.44 -7.28
CA VAL A 119 32.11 6.44 -6.48
C VAL A 119 30.89 6.33 -7.36
N TRP A 120 31.06 6.50 -8.66
CA TRP A 120 29.94 6.40 -9.59
C TRP A 120 29.71 4.95 -9.97
N ALA A 121 30.79 4.19 -10.14
CA ALA A 121 30.63 2.76 -10.43
C ALA A 121 29.94 2.08 -9.24
N ILE A 122 30.34 2.43 -8.02
CA ILE A 122 29.72 1.87 -6.83
C ILE A 122 28.24 2.27 -6.76
N LEU A 123 27.96 3.55 -7.05
CA LEU A 123 26.56 3.99 -7.02
C LEU A 123 25.72 3.24 -8.03
N THR A 124 26.25 3.05 -9.25
CA THR A 124 25.51 2.33 -10.28
C THR A 124 25.33 0.87 -9.88
N VAL A 125 26.35 0.27 -9.28
CA VAL A 125 26.27 -1.13 -8.91
C VAL A 125 25.16 -1.33 -7.90
N VAL A 126 25.07 -0.43 -6.91
CA VAL A 126 24.08 -0.61 -5.86
C VAL A 126 22.71 -0.09 -6.28
N VAL A 127 22.62 0.67 -7.38
CA VAL A 127 21.34 1.24 -7.81
C VAL A 127 20.72 0.50 -8.98
N VAL A 128 21.42 -0.44 -9.61
CA VAL A 128 20.89 -1.12 -10.79
C VAL A 128 20.36 -2.52 -10.47
N PHE A 129 20.44 -2.97 -9.22
CA PHE A 129 19.99 -4.31 -8.88
C PHE A 129 18.50 -4.34 -8.55
N GLU A 130 17.81 -5.36 -9.06
CA GLU A 130 16.40 -5.59 -8.77
C GLU A 130 16.19 -7.07 -8.47
N PHE A 131 15.15 -7.37 -7.69
CA PHE A 131 14.92 -8.73 -7.23
C PHE A 131 14.66 -9.70 -8.39
N THR A 132 13.86 -9.29 -9.34
CA THR A 132 13.42 -10.13 -10.45
C THR A 132 14.02 -9.64 -11.76
N ILE A 133 13.99 -10.52 -12.76
CA ILE A 133 14.57 -10.22 -14.06
C ILE A 133 13.73 -9.19 -14.81
N GLY A 134 12.41 -9.39 -14.81
CA GLY A 134 11.55 -8.48 -15.57
C GLY A 134 11.59 -7.06 -15.04
N ALA A 135 11.57 -6.91 -13.73
CA ALA A 135 11.67 -5.57 -13.14
C ALA A 135 12.99 -4.91 -13.52
N THR A 136 14.08 -5.67 -13.46
CA THR A 136 15.39 -5.13 -13.84
C THR A 136 15.37 -4.67 -15.29
N LEU A 137 14.82 -5.51 -16.18
CA LEU A 137 14.80 -5.16 -17.60
C LEU A 137 13.98 -3.91 -17.87
N SER A 138 12.79 -3.84 -17.27
CA SER A 138 11.92 -2.68 -17.47
C SER A 138 12.58 -1.41 -16.93
N LYS A 139 13.14 -1.49 -15.72
CA LYS A 139 13.79 -0.32 -15.14
C LYS A 139 14.97 0.13 -15.99
N GLY A 140 15.78 -0.81 -16.46
CA GLY A 140 16.91 -0.43 -17.31
C GLY A 140 16.48 0.25 -18.59
N PHE A 141 15.48 -0.32 -19.27
CA PHE A 141 14.98 0.29 -20.50
C PHE A 141 14.47 1.71 -20.26
N ASN A 142 13.59 1.87 -19.27
CA ASN A 142 13.00 3.17 -18.99
C ASN A 142 14.08 4.19 -18.62
N ARG A 143 15.00 3.79 -17.75
CA ARG A 143 16.03 4.71 -17.28
C ARG A 143 16.95 5.11 -18.42
N ALA A 144 17.34 4.16 -19.27
CA ALA A 144 18.21 4.50 -20.40
C ALA A 144 17.54 5.51 -21.33
N LEU A 145 16.28 5.24 -21.72
CA LEU A 145 15.62 6.15 -22.64
C LEU A 145 15.45 7.53 -22.01
N GLY A 146 15.02 7.57 -20.75
CA GLY A 146 14.82 8.86 -20.10
C GLY A 146 16.10 9.62 -19.90
N THR A 147 17.19 8.91 -19.56
CA THR A 147 18.47 9.58 -19.36
C THR A 147 18.97 10.17 -20.66
N LEU A 148 18.84 9.42 -21.76
CA LEU A 148 19.34 9.94 -23.03
C LEU A 148 18.52 11.12 -23.51
N SER A 149 17.18 11.02 -23.40
CA SER A 149 16.32 12.12 -23.83
C SER A 149 16.59 13.37 -23.01
N ALA A 150 16.63 13.24 -21.68
CA ALA A 150 16.86 14.40 -20.83
C ALA A 150 18.23 15.00 -21.05
N GLY A 151 19.25 14.17 -21.25
CA GLY A 151 20.58 14.70 -21.47
C GLY A 151 20.67 15.49 -22.76
N GLY A 152 20.06 14.97 -23.83
CA GLY A 152 20.07 15.68 -25.09
C GLY A 152 19.33 17.00 -25.01
N LEU A 153 18.13 16.97 -24.42
CA LEU A 153 17.32 18.18 -24.36
C LEU A 153 17.93 19.23 -23.44
N ALA A 154 18.55 18.80 -22.33
CA ALA A 154 19.18 19.75 -21.42
C ALA A 154 20.49 20.28 -21.97
N LEU A 155 21.17 19.53 -22.85
CA LEU A 155 22.34 20.08 -23.52
C LEU A 155 21.94 21.07 -24.60
N GLY A 156 20.80 20.86 -25.26
CA GLY A 156 20.37 21.81 -26.27
C GLY A 156 19.74 23.07 -25.72
N MET A 157 19.04 22.96 -24.59
CA MET A 157 18.36 24.13 -24.04
C MET A 157 19.29 25.06 -23.28
N ALA A 158 20.51 24.63 -22.99
CA ALA A 158 21.54 25.51 -22.46
C ALA A 158 22.40 26.12 -23.56
N GLU A 159 22.18 25.75 -24.82
CA GLU A 159 22.82 26.39 -25.95
C GLU A 159 21.89 27.26 -26.80
N LEU A 160 20.57 27.05 -26.71
CA LEU A 160 19.62 28.04 -27.23
C LEU A 160 19.53 29.24 -26.30
N SER A 161 20.21 29.24 -25.16
CA SER A 161 20.06 30.32 -24.18
C SER A 161 21.15 31.38 -24.22
N THR A 162 22.21 31.16 -24.97
CA THR A 162 23.31 32.08 -25.19
C THR A 162 23.12 32.97 -26.41
N LEU A 163 21.96 32.89 -27.07
CA LEU A 163 21.68 33.72 -28.24
C LEU A 163 20.42 34.58 -28.04
N PHE A 164 19.86 34.62 -26.83
CA PHE A 164 18.70 35.50 -26.60
C PHE A 164 19.07 36.97 -26.58
N GLY A 165 20.33 37.30 -26.35
CA GLY A 165 20.75 38.70 -26.38
C GLY A 165 21.01 39.29 -25.02
N ASP A 166 20.39 40.44 -24.74
CA ASP A 166 20.51 41.07 -23.43
C ASP A 166 19.53 40.53 -22.41
N TRP A 167 18.52 39.76 -22.84
CA TRP A 167 17.63 39.05 -21.91
C TRP A 167 18.18 37.66 -21.58
N GLU A 168 19.45 37.59 -21.19
CA GLU A 168 20.11 36.34 -20.85
C GLU A 168 20.36 36.22 -19.35
N GLU A 169 19.79 37.11 -18.55
CA GLU A 169 19.94 37.03 -17.10
C GLU A 169 18.61 37.04 -16.36
N ILE A 170 17.50 37.33 -17.03
CA ILE A 170 16.18 37.17 -16.43
C ILE A 170 15.61 35.84 -16.92
N PHE A 171 16.00 35.43 -18.12
CA PHE A 171 15.59 34.12 -18.61
C PHE A 171 16.26 32.99 -17.81
N CYS A 172 17.54 33.14 -17.46
CA CYS A 172 18.26 32.13 -16.70
C CYS A 172 17.82 32.03 -15.24
N THR A 173 16.97 32.96 -14.80
CA THR A 173 16.34 33.00 -13.48
C THR A 173 14.89 32.57 -13.54
N LEU A 174 14.20 32.84 -14.65
CA LEU A 174 12.84 32.36 -14.81
C LEU A 174 12.76 30.88 -15.19
N SER A 175 13.74 30.41 -15.96
CA SER A 175 13.75 29.02 -16.40
C SER A 175 13.95 28.05 -15.24
N ILE A 176 14.82 28.40 -14.30
CA ILE A 176 15.07 27.57 -13.13
C ILE A 176 13.79 27.41 -12.33
N PHE A 177 13.09 28.53 -12.09
CA PHE A 177 11.83 28.47 -11.36
C PHE A 177 10.80 27.62 -12.08
N CYS A 178 10.67 27.83 -13.41
CA CYS A 178 9.66 27.07 -14.16
C CYS A 178 9.98 25.58 -14.15
N ILE A 179 11.24 25.22 -14.33
CA ILE A 179 11.68 23.83 -14.37
C ILE A 179 11.45 23.16 -13.01
N GLY A 180 11.80 23.86 -11.92
CA GLY A 180 11.53 23.32 -10.60
C GLY A 180 10.06 23.11 -10.35
N PHE A 181 9.23 24.08 -10.75
CA PHE A 181 7.79 23.95 -10.58
C PHE A 181 7.26 22.76 -11.36
N LEU A 182 7.69 22.61 -12.62
CA LEU A 182 7.21 21.50 -13.44
C LEU A 182 7.67 20.15 -12.88
N ALA A 183 8.93 20.07 -12.44
CA ALA A 183 9.43 18.82 -11.88
C ALA A 183 8.69 18.43 -10.62
N THR A 184 8.41 19.39 -9.74
CA THR A 184 7.66 19.08 -8.53
C THR A 184 6.22 18.70 -8.86
N PHE A 185 5.62 19.38 -9.84
CA PHE A 185 4.24 19.09 -10.21
C PHE A 185 4.10 17.69 -10.78
N MET A 186 5.06 17.28 -11.62
CA MET A 186 4.98 15.97 -12.26
C MET A 186 5.17 14.82 -11.27
N LYS A 187 5.61 15.09 -10.04
CA LYS A 187 5.88 14.05 -9.07
C LYS A 187 4.72 13.76 -8.14
N LEU A 188 3.82 14.74 -7.92
CA LEU A 188 2.75 14.58 -6.96
C LEU A 188 1.55 13.81 -7.52
N TYR A 189 1.53 13.52 -8.82
CA TYR A 189 0.41 12.84 -9.43
C TYR A 189 0.81 11.42 -9.79
N PRO A 190 0.18 10.40 -9.20
CA PRO A 190 0.57 9.01 -9.51
C PRO A 190 0.38 8.66 -10.98
N SER A 191 -0.55 9.32 -11.67
CA SER A 191 -0.77 9.00 -13.08
C SER A 191 0.47 9.26 -13.92
N MET A 192 1.15 10.36 -13.64
CA MET A 192 2.37 10.84 -14.30
C MET A 192 3.58 10.30 -13.52
N LYS A 193 3.91 9.04 -13.78
CA LYS A 193 4.99 8.36 -13.08
C LYS A 193 6.04 7.74 -13.97
N ALA A 194 5.77 7.57 -15.26
CA ALA A 194 6.79 7.07 -16.17
C ALA A 194 7.72 8.17 -16.63
N TYR A 195 7.29 9.44 -16.54
CA TYR A 195 8.06 10.56 -17.02
C TYR A 195 8.66 11.40 -15.89
N GLU A 196 8.62 10.90 -14.65
CA GLU A 196 9.21 11.64 -13.54
C GLU A 196 10.73 11.63 -13.60
N TYR A 197 11.32 10.48 -13.93
CA TYR A 197 12.77 10.36 -13.93
C TYR A 197 13.39 11.29 -14.97
N GLY A 198 12.90 11.23 -16.20
CA GLY A 198 13.39 12.14 -17.23
C GLY A 198 13.34 13.59 -16.80
N PHE A 199 12.24 14.00 -16.16
CA PHE A 199 12.12 15.37 -15.68
C PHE A 199 13.18 15.68 -14.61
N ARG A 200 13.41 14.75 -13.69
CA ARG A 200 14.42 14.98 -12.67
C ARG A 200 15.81 15.14 -13.30
N VAL A 201 16.13 14.28 -14.27
CA VAL A 201 17.42 14.35 -14.94
C VAL A 201 17.56 15.67 -15.69
N PHE A 202 16.50 16.08 -16.38
CA PHE A 202 16.54 17.35 -17.11
C PHE A 202 16.79 18.52 -16.16
N LEU A 203 16.07 18.53 -15.04
CA LEU A 203 16.24 19.61 -14.06
C LEU A 203 17.69 19.65 -13.56
N LEU A 204 18.21 18.49 -13.17
CA LEU A 204 19.57 18.43 -12.63
C LEU A 204 20.59 18.93 -13.66
N THR A 205 20.53 18.40 -14.88
CA THR A 205 21.52 18.75 -15.90
C THR A 205 21.45 20.22 -16.26
N TYR A 206 20.24 20.75 -16.48
CA TYR A 206 20.09 22.15 -16.87
C TYR A 206 20.60 23.09 -15.79
N CYS A 207 20.22 22.83 -14.53
CA CYS A 207 20.66 23.69 -13.45
C CYS A 207 22.17 23.66 -13.31
N TYR A 208 22.77 22.47 -13.40
CA TYR A 208 24.21 22.38 -13.27
C TYR A 208 24.91 23.15 -14.38
N ILE A 209 24.52 22.94 -15.63
CA ILE A 209 25.22 23.62 -16.72
C ILE A 209 25.15 25.13 -16.55
N LEU A 210 23.96 25.66 -16.22
CA LEU A 210 23.85 27.11 -16.05
C LEU A 210 24.67 27.65 -14.88
N ILE A 211 24.52 27.07 -13.69
CA ILE A 211 25.25 27.57 -12.53
C ILE A 211 26.76 27.33 -12.59
N SER A 212 27.22 26.32 -13.31
CA SER A 212 28.65 26.09 -13.40
C SER A 212 29.37 27.13 -14.27
N GLY A 213 28.87 27.41 -15.46
CA GLY A 213 29.59 28.30 -16.35
C GLY A 213 30.16 27.57 -17.53
N PHE A 214 29.80 26.30 -17.68
CA PHE A 214 30.30 25.38 -18.69
C PHE A 214 29.84 25.73 -20.11
N ARG A 215 30.50 25.08 -21.06
CA ARG A 215 30.21 25.22 -22.47
C ARG A 215 30.13 23.83 -23.07
N THR A 216 29.34 23.70 -24.14
CA THR A 216 29.09 22.40 -24.75
C THR A 216 30.35 21.55 -24.80
N GLY A 217 31.50 22.18 -24.97
CA GLY A 217 32.73 21.43 -25.07
C GLY A 217 33.37 21.09 -23.75
N GLN A 218 33.10 21.89 -22.73
CA GLN A 218 33.67 21.63 -21.41
C GLN A 218 32.82 20.67 -20.59
N PHE A 219 31.56 20.46 -20.97
CA PHE A 219 30.72 19.49 -20.28
C PHE A 219 30.79 18.09 -20.89
N ILE A 220 30.96 18.01 -22.21
CA ILE A 220 31.03 16.69 -22.86
C ILE A 220 32.24 15.91 -22.37
N GLU A 221 33.35 16.60 -22.12
CA GLU A 221 34.55 15.91 -21.66
C GLU A 221 34.34 15.30 -20.28
N VAL A 222 33.68 16.04 -19.38
CA VAL A 222 33.37 15.52 -18.06
C VAL A 222 32.40 14.35 -18.16
N ALA A 223 31.38 14.48 -19.03
CA ALA A 223 30.44 13.38 -19.18
C ALA A 223 31.12 12.11 -19.67
N ILE A 224 31.99 12.25 -20.68
CA ILE A 224 32.68 11.09 -21.23
C ILE A 224 33.65 10.51 -20.20
N SER A 225 34.29 11.37 -19.40
CA SER A 225 35.23 10.89 -18.41
C SER A 225 34.53 10.10 -17.30
N ARG A 226 33.36 10.56 -16.87
CA ARG A 226 32.65 9.92 -15.77
C ARG A 226 31.52 9.00 -16.22
N PHE A 227 31.45 8.65 -17.51
CA PHE A 227 30.47 7.66 -17.94
C PHE A 227 31.10 6.29 -18.20
N LEU A 228 32.43 6.21 -18.29
CA LEU A 228 33.09 4.92 -18.48
C LEU A 228 33.21 4.14 -17.19
N LEU A 229 33.01 4.79 -16.04
CA LEU A 229 32.95 4.10 -14.76
C LEU A 229 31.50 3.88 -14.35
N ILE A 230 30.55 4.35 -15.14
CA ILE A 230 29.14 4.08 -14.93
C ILE A 230 28.71 2.89 -15.77
N ALA A 231 29.30 2.77 -16.96
CA ALA A 231 28.94 1.64 -17.81
C ALA A 231 29.56 0.34 -17.34
N LEU A 232 30.72 0.41 -16.66
CA LEU A 232 31.29 -0.79 -16.05
C LEU A 232 30.39 -1.33 -14.96
N GLY A 233 29.92 -0.45 -14.07
CA GLY A 233 29.02 -0.89 -13.02
C GLY A 233 27.70 -1.38 -13.56
N ALA A 234 27.19 -0.72 -14.60
CA ALA A 234 25.91 -1.17 -15.18
C ALA A 234 26.05 -2.54 -15.81
N GLY A 235 27.13 -2.79 -16.54
CA GLY A 235 27.26 -4.10 -17.14
C GLY A 235 27.67 -5.20 -16.19
N VAL A 236 28.29 -4.85 -15.07
CA VAL A 236 28.60 -5.89 -14.09
C VAL A 236 27.35 -6.25 -13.30
N SER A 237 26.51 -5.24 -13.01
CA SER A 237 25.26 -5.52 -12.31
C SER A 237 24.31 -6.32 -13.20
N LEU A 238 24.32 -6.04 -14.49
CA LEU A 238 23.53 -6.77 -15.47
C LEU A 238 24.08 -8.15 -15.83
N GLY A 239 25.37 -8.39 -15.61
CA GLY A 239 25.97 -9.69 -15.86
C GLY A 239 25.87 -10.62 -14.67
N VAL A 240 25.83 -10.04 -13.45
CA VAL A 240 25.77 -10.86 -12.23
C VAL A 240 24.34 -11.19 -11.81
N ASN A 241 23.34 -10.77 -12.57
CA ASN A 241 21.94 -11.01 -12.20
C ASN A 241 21.21 -11.98 -13.11
N MET A 242 21.56 -12.03 -14.38
CA MET A 242 20.84 -12.85 -15.35
C MET A 242 21.47 -14.23 -15.55
N PHE A 243 22.57 -14.53 -14.88
CA PHE A 243 23.27 -15.80 -15.09
C PHE A 243 23.69 -16.50 -13.82
N ILE A 244 23.40 -15.96 -12.65
CA ILE A 244 23.75 -16.58 -11.36
C ILE A 244 22.45 -16.63 -10.55
N TYR A 245 21.77 -17.79 -10.60
CA TYR A 245 20.54 -17.99 -9.85
C TYR A 245 19.46 -16.99 -10.26
N PRO A 246 19.07 -16.97 -11.53
CA PRO A 246 18.00 -16.05 -11.94
C PRO A 246 16.72 -16.29 -11.16
N ILE A 247 16.04 -15.19 -10.82
CA ILE A 247 14.78 -15.23 -10.09
C ILE A 247 13.69 -14.67 -10.99
N TRP A 248 12.63 -15.45 -11.19
CA TRP A 248 11.55 -15.09 -12.10
C TRP A 248 10.31 -14.66 -11.32
N ALA A 249 9.40 -14.00 -12.03
CA ALA A 249 8.17 -13.50 -11.43
C ALA A 249 6.97 -14.41 -11.66
N GLY A 250 6.93 -15.16 -12.76
CA GLY A 250 5.83 -16.07 -13.00
C GLY A 250 5.72 -17.14 -11.94
N GLU A 251 6.86 -17.66 -11.48
CA GLU A 251 6.85 -18.61 -10.38
C GLU A 251 6.25 -17.98 -9.13
N ASP A 252 6.59 -16.71 -8.89
CA ASP A 252 6.02 -15.98 -7.75
C ASP A 252 4.51 -15.89 -7.86
N LEU A 253 4.00 -15.58 -9.06
CA LEU A 253 2.56 -15.49 -9.24
C LEU A 253 1.89 -16.83 -9.01
N HIS A 254 2.50 -17.89 -9.54
CA HIS A 254 1.98 -19.24 -9.35
C HIS A 254 1.93 -19.61 -7.87
N ASN A 255 3.02 -19.38 -7.15
CA ASN A 255 3.05 -19.70 -5.73
C ASN A 255 2.02 -18.89 -4.96
N LEU A 256 1.84 -17.61 -5.32
CA LEU A 256 0.85 -16.78 -4.64
C LEU A 256 -0.56 -17.32 -4.86
N VAL A 257 -0.86 -17.74 -6.08
CA VAL A 257 -2.19 -18.29 -6.37
C VAL A 257 -2.42 -19.54 -5.51
N VAL A 258 -1.42 -20.41 -5.45
CA VAL A 258 -1.57 -21.64 -4.66
C VAL A 258 -1.78 -21.30 -3.19
N LYS A 259 -0.98 -20.37 -2.65
CA LYS A 259 -1.13 -20.02 -1.25
C LYS A 259 -2.43 -19.30 -0.98
N ASN A 260 -3.11 -18.84 -2.03
CA ASN A 260 -4.35 -18.10 -1.80
C ASN A 260 -5.49 -19.09 -1.75
N PHE A 261 -5.39 -20.13 -2.58
CA PHE A 261 -6.40 -21.18 -2.52
C PHE A 261 -6.28 -21.88 -1.18
N MET A 262 -5.05 -22.03 -0.69
CA MET A 262 -4.85 -22.75 0.56
C MET A 262 -5.19 -21.87 1.76
N ASN A 263 -5.03 -20.54 1.64
CA ASN A 263 -5.43 -19.70 2.76
C ASN A 263 -6.95 -19.64 2.88
N VAL A 264 -7.66 -19.57 1.75
CA VAL A 264 -9.12 -19.53 1.85
C VAL A 264 -9.68 -20.88 2.29
N ALA A 265 -8.98 -21.98 1.95
CA ALA A 265 -9.42 -23.29 2.42
C ALA A 265 -9.15 -23.46 3.91
N THR A 266 -8.09 -22.82 4.42
CA THR A 266 -7.78 -22.93 5.84
C THR A 266 -8.63 -21.99 6.66
N SER A 267 -9.26 -21.00 6.03
CA SER A 267 -10.09 -20.08 6.81
C SER A 267 -11.56 -20.49 6.88
N LEU A 268 -12.06 -21.05 5.79
CA LEU A 268 -13.43 -21.55 5.72
C LEU A 268 -13.70 -22.61 6.79
N GLU A 269 -12.70 -23.42 7.14
CA GLU A 269 -12.89 -24.40 8.20
C GLU A 269 -12.90 -23.77 9.58
N GLY A 270 -12.03 -22.76 9.77
CA GLY A 270 -11.95 -22.10 11.05
C GLY A 270 -13.10 -21.20 11.36
N CYS A 271 -13.91 -20.85 10.37
CA CYS A 271 -15.03 -19.97 10.67
C CYS A 271 -16.22 -20.77 11.18
N VAL A 272 -16.42 -21.94 10.57
CA VAL A 272 -17.41 -22.93 10.98
C VAL A 272 -17.05 -23.48 12.35
N ASN A 273 -15.77 -23.77 12.58
CA ASN A 273 -15.40 -24.31 13.89
C ASN A 273 -15.54 -23.21 14.94
N GLY A 274 -15.25 -21.95 14.59
CA GLY A 274 -15.44 -20.88 15.55
C GLY A 274 -16.90 -20.55 15.82
N TYR A 275 -17.79 -20.87 14.89
CA TYR A 275 -19.21 -20.66 15.16
C TYR A 275 -19.82 -21.80 15.97
N LEU A 276 -19.38 -23.04 15.73
CA LEU A 276 -20.00 -24.19 16.39
C LEU A 276 -19.37 -24.54 17.72
N ARG A 277 -18.12 -24.11 17.94
CA ARG A 277 -17.39 -24.40 19.18
C ARG A 277 -18.16 -24.01 20.43
N CYS A 278 -19.19 -23.17 20.30
CA CYS A 278 -20.05 -22.63 21.37
C CYS A 278 -20.87 -21.50 20.78
N VAL A 298 -8.05 -17.71 11.38
CA VAL A 298 -9.33 -17.60 10.68
C VAL A 298 -9.46 -16.20 10.08
N TYR A 299 -8.35 -15.47 10.04
CA TYR A 299 -8.28 -14.15 9.43
C TYR A 299 -7.18 -14.04 8.39
N LYS A 300 -6.15 -14.88 8.47
CA LYS A 300 -4.99 -14.84 7.60
C LYS A 300 -5.32 -15.31 6.19
N GLY A 301 -6.43 -16.01 6.01
CA GLY A 301 -6.73 -16.58 4.72
C GLY A 301 -7.64 -15.69 3.92
N TYR A 302 -8.45 -14.88 4.59
CA TYR A 302 -9.35 -14.00 3.89
C TYR A 302 -8.83 -12.56 3.87
N ARG A 303 -7.75 -12.28 4.61
CA ARG A 303 -7.15 -10.95 4.65
C ARG A 303 -5.82 -10.89 3.91
N SER A 304 -5.46 -11.96 3.21
CA SER A 304 -4.32 -12.04 2.32
C SER A 304 -4.71 -12.15 0.86
N ALA A 305 -5.87 -12.73 0.57
CA ALA A 305 -6.34 -12.89 -0.79
C ALA A 305 -6.92 -11.61 -1.39
N VAL A 306 -7.55 -10.78 -0.56
CA VAL A 306 -8.21 -9.55 -0.96
C VAL A 306 -7.24 -8.39 -1.17
N GLU A 307 -6.07 -8.48 -0.54
CA GLU A 307 -5.05 -7.45 -0.68
C GLU A 307 -4.00 -7.85 -1.71
N SER A 308 -4.17 -9.01 -2.31
CA SER A 308 -3.19 -9.51 -3.28
C SER A 308 -3.60 -9.27 -4.71
N THR A 309 -4.21 -8.14 -5.01
CA THR A 309 -4.51 -7.81 -6.41
C THR A 309 -3.44 -6.92 -7.01
N SER A 310 -2.99 -5.90 -6.26
CA SER A 310 -1.92 -5.04 -6.74
C SER A 310 -0.63 -5.81 -6.95
N GLN A 311 -0.31 -6.72 -6.02
CA GLN A 311 0.88 -7.55 -6.17
C GLN A 311 0.80 -8.44 -7.40
N GLU A 312 -0.38 -9.03 -7.65
CA GLU A 312 -0.55 -9.85 -8.83
C GLU A 312 -0.40 -9.03 -10.09
N GLU A 313 -0.97 -7.83 -10.11
CA GLU A 313 -0.82 -6.98 -11.30
C GLU A 313 0.64 -6.62 -11.52
N SER A 314 1.36 -6.25 -10.46
CA SER A 314 2.77 -5.92 -10.60
C SER A 314 3.59 -7.13 -11.07
N LEU A 315 3.30 -8.31 -10.52
CA LEU A 315 4.01 -9.51 -10.93
C LEU A 315 3.74 -9.83 -12.40
N MET A 316 2.50 -9.67 -12.84
CA MET A 316 2.18 -9.88 -14.25
C MET A 316 2.91 -8.88 -15.13
N SER A 317 2.95 -7.61 -14.73
CA SER A 317 3.65 -6.62 -15.51
C SER A 317 5.14 -6.95 -15.63
N PHE A 318 5.74 -7.41 -14.53
CA PHE A 318 7.15 -7.79 -14.56
C PHE A 318 7.37 -9.03 -15.42
N ALA A 319 6.45 -10.00 -15.36
CA ALA A 319 6.64 -11.26 -16.09
C ALA A 319 6.51 -11.08 -17.60
N ILE A 320 5.76 -10.08 -18.05
CA ILE A 320 5.58 -9.85 -19.48
C ILE A 320 6.88 -9.36 -20.11
N TRP A 321 7.92 -9.22 -19.28
CA TRP A 321 9.22 -8.74 -19.73
C TRP A 321 10.29 -9.82 -19.59
N GLU A 322 9.90 -11.09 -19.67
CA GLU A 322 10.81 -12.19 -19.47
C GLU A 322 10.78 -13.15 -20.65
N PRO A 323 11.87 -13.87 -20.87
CA PRO A 323 11.93 -14.78 -22.01
C PRO A 323 11.43 -16.17 -21.64
N PRO A 324 11.15 -17.01 -22.64
CA PRO A 324 10.70 -18.37 -22.33
C PRO A 324 11.73 -19.12 -21.49
N HIS A 325 11.25 -19.94 -20.56
CA HIS A 325 12.13 -20.68 -19.67
C HIS A 325 11.35 -21.77 -18.97
N GLY A 326 12.05 -22.87 -18.70
CA GLY A 326 11.54 -23.96 -17.89
C GLY A 326 10.19 -24.47 -18.36
N PRO A 327 9.27 -24.66 -17.41
CA PRO A 327 7.93 -25.18 -17.76
C PRO A 327 7.05 -24.17 -18.46
N TYR A 328 7.55 -22.97 -18.74
CA TYR A 328 6.78 -21.91 -19.38
C TYR A 328 7.44 -21.65 -20.73
N LYS A 329 7.00 -22.39 -21.75
CA LYS A 329 7.62 -22.34 -23.06
C LYS A 329 6.63 -21.71 -24.04
N SER A 330 6.79 -20.41 -24.27
CA SER A 330 5.99 -19.71 -25.25
C SER A 330 6.37 -18.24 -25.31
N PHE A 331 6.14 -17.60 -26.46
CA PHE A 331 6.42 -16.17 -26.59
C PHE A 331 5.26 -15.30 -26.17
N ASN A 332 4.04 -15.85 -26.09
CA ASN A 332 2.88 -15.16 -25.54
C ASN A 332 2.25 -16.09 -24.50
N TYR A 333 2.78 -16.07 -23.28
CA TYR A 333 2.24 -16.94 -22.23
C TYR A 333 1.08 -16.26 -21.54
N PRO A 334 -0.07 -16.92 -21.39
CA PRO A 334 -1.22 -16.26 -20.75
C PRO A 334 -1.03 -16.07 -19.26
N TRP A 335 -0.82 -14.82 -18.83
CA TRP A 335 -0.67 -14.50 -17.41
C TRP A 335 -1.91 -13.86 -16.81
N LYS A 336 -2.71 -13.17 -17.61
CA LYS A 336 -3.99 -12.63 -17.17
C LYS A 336 -5.01 -13.73 -16.87
N ASN A 337 -4.82 -14.92 -17.45
CA ASN A 337 -5.64 -16.06 -17.08
C ASN A 337 -5.31 -16.59 -15.69
N TYR A 338 -4.11 -16.34 -15.19
CA TYR A 338 -3.78 -16.63 -13.80
C TYR A 338 -4.37 -15.58 -12.86
N VAL A 339 -4.37 -14.33 -13.31
CA VAL A 339 -4.91 -13.21 -12.53
C VAL A 339 -6.42 -13.35 -12.42
N LYS A 340 -7.07 -13.84 -13.48
CA LYS A 340 -8.53 -13.94 -13.47
C LYS A 340 -8.99 -14.96 -12.42
N LEU A 341 -8.23 -16.05 -12.26
CA LEU A 341 -8.60 -17.07 -11.29
C LEU A 341 -8.57 -16.52 -9.87
N SER A 342 -7.52 -15.76 -9.54
CA SER A 342 -7.46 -15.12 -8.23
C SER A 342 -8.59 -14.10 -8.07
N GLY A 343 -8.89 -13.35 -9.12
CA GLY A 343 -10.01 -12.43 -9.08
C GLY A 343 -11.32 -13.13 -8.79
N ALA A 344 -11.51 -14.30 -9.39
CA ALA A 344 -12.71 -15.07 -9.09
C ALA A 344 -12.70 -15.57 -7.65
N LEU A 345 -11.54 -16.03 -7.16
CA LEU A 345 -11.51 -16.54 -5.79
C LEU A 345 -11.74 -15.43 -4.75
N LYS A 346 -11.34 -14.20 -5.05
CA LYS A 346 -11.55 -13.11 -4.13
C LYS A 346 -13.05 -12.89 -3.86
N HIS A 347 -13.88 -13.13 -4.88
CA HIS A 347 -15.31 -12.94 -4.71
C HIS A 347 -15.86 -13.86 -3.61
N CYS A 348 -15.36 -15.10 -3.57
CA CYS A 348 -15.74 -16.03 -2.50
C CYS A 348 -15.09 -15.65 -1.17
N ALA A 349 -13.85 -15.15 -1.24
CA ALA A 349 -13.18 -14.74 -0.01
C ALA A 349 -13.96 -13.64 0.69
N PHE A 350 -14.68 -12.81 -0.07
CA PHE A 350 -15.54 -11.80 0.54
C PHE A 350 -16.66 -12.45 1.36
N THR A 351 -17.21 -13.56 0.86
CA THR A 351 -18.24 -14.26 1.62
C THR A 351 -17.65 -14.88 2.88
N VAL A 352 -16.42 -15.40 2.77
CA VAL A 352 -15.75 -15.91 3.97
C VAL A 352 -15.51 -14.78 4.95
N MET A 353 -15.20 -13.59 4.44
CA MET A 353 -15.04 -12.41 5.29
C MET A 353 -16.31 -12.13 6.07
N ALA A 354 -17.46 -12.14 5.38
CA ALA A 354 -18.73 -11.90 6.05
C ALA A 354 -19.02 -12.98 7.09
N LEU A 355 -18.72 -14.23 6.76
CA LEU A 355 -18.94 -15.34 7.68
C LEU A 355 -18.11 -15.16 8.96
N HIS A 356 -16.85 -14.76 8.82
CA HIS A 356 -16.04 -14.52 10.01
C HIS A 356 -16.58 -13.33 10.80
N GLY A 357 -16.97 -12.27 10.10
CA GLY A 357 -17.50 -11.10 10.77
C GLY A 357 -18.80 -11.36 11.50
N CYS A 358 -19.54 -12.40 11.12
CA CYS A 358 -20.74 -12.74 11.86
C CYS A 358 -20.45 -13.06 13.33
N ILE A 359 -19.29 -13.65 13.59
CA ILE A 359 -18.86 -14.13 14.91
C ILE A 359 -18.51 -12.98 15.84
N LEU A 360 -18.37 -11.77 15.32
CA LEU A 360 -17.91 -10.62 16.09
C LEU A 360 -18.99 -9.54 16.24
N SER A 361 -20.23 -9.96 16.49
CA SER A 361 -21.36 -9.06 16.61
C SER A 361 -21.85 -8.99 18.05
N GLU A 362 -22.52 -7.87 18.37
CA GLU A 362 -23.13 -7.72 19.69
C GLU A 362 -24.32 -8.65 19.86
N ILE A 363 -25.07 -8.90 18.80
CA ILE A 363 -26.24 -9.77 18.85
C ILE A 363 -25.81 -11.18 18.47
N GLN A 364 -25.95 -12.12 19.40
CA GLN A 364 -25.57 -13.50 19.18
C GLN A 364 -26.69 -14.43 19.60
N ALA A 365 -26.78 -15.57 18.93
CA ALA A 365 -27.79 -16.57 19.22
C ALA A 365 -27.31 -17.53 20.30
N PRO A 366 -28.23 -18.23 20.96
CA PRO A 366 -27.81 -19.17 22.00
C PRO A 366 -27.22 -20.45 21.39
N GLU A 367 -26.35 -21.07 22.17
CA GLU A 367 -25.68 -22.29 21.72
C GLU A 367 -26.67 -23.41 21.50
N GLU A 368 -27.66 -23.55 22.39
CA GLU A 368 -28.65 -24.62 22.27
C GLU A 368 -29.43 -24.52 20.97
N ARG A 369 -29.60 -23.31 20.42
CA ARG A 369 -30.33 -23.14 19.17
C ARG A 369 -29.45 -23.37 17.94
N ARG A 370 -28.16 -23.11 18.05
CA ARG A 370 -27.19 -23.32 16.97
C ARG A 370 -26.60 -24.73 16.99
N GLN A 371 -26.89 -25.54 18.01
CA GLN A 371 -26.39 -26.91 18.06
C GLN A 371 -27.28 -27.91 17.32
N VAL A 372 -28.34 -27.44 16.67
CA VAL A 372 -29.21 -28.31 15.88
C VAL A 372 -28.70 -28.53 14.46
N PHE A 373 -27.94 -27.59 13.92
CA PHE A 373 -27.43 -27.67 12.55
C PHE A 373 -25.94 -27.98 12.49
N ARG A 374 -25.37 -28.50 13.56
CA ARG A 374 -23.93 -28.73 13.59
C ARG A 374 -23.52 -29.74 12.52
N GLN A 375 -24.23 -30.87 12.45
CA GLN A 375 -23.84 -31.92 11.51
C GLN A 375 -24.06 -31.50 10.07
N GLU A 376 -25.04 -30.63 9.81
CA GLU A 376 -25.24 -30.13 8.45
C GLU A 376 -24.17 -29.13 8.06
N LEU A 377 -23.76 -28.27 8.99
CA LEU A 377 -22.77 -27.25 8.68
C LEU A 377 -21.39 -27.86 8.52
N GLN A 378 -21.06 -28.89 9.30
CA GLN A 378 -19.72 -29.47 9.24
C GLN A 378 -19.44 -30.06 7.86
N ARG A 379 -20.42 -30.74 7.26
CA ARG A 379 -20.19 -31.36 5.97
C ARG A 379 -19.87 -30.32 4.89
N VAL A 380 -20.62 -29.21 4.86
CA VAL A 380 -20.34 -28.17 3.89
C VAL A 380 -18.97 -27.55 4.19
N GLY A 381 -18.68 -27.30 5.46
CA GLY A 381 -17.40 -26.70 5.81
C GLY A 381 -16.22 -27.57 5.44
N VAL A 382 -16.43 -28.89 5.37
CA VAL A 382 -15.35 -29.78 4.96
C VAL A 382 -15.29 -29.92 3.44
N GLU A 383 -16.45 -30.04 2.79
CA GLU A 383 -16.49 -30.20 1.33
C GLU A 383 -15.91 -28.98 0.63
N GLY A 384 -16.27 -27.77 1.10
CA GLY A 384 -15.73 -26.58 0.47
C GLY A 384 -14.22 -26.54 0.52
N ALA A 385 -13.65 -26.81 1.70
CA ALA A 385 -12.20 -26.82 1.85
C ALA A 385 -11.55 -27.90 0.99
N LYS A 386 -12.16 -29.08 0.93
CA LYS A 386 -11.62 -30.16 0.12
C LYS A 386 -11.56 -29.76 -1.36
N LEU A 387 -12.64 -29.16 -1.85
CA LEU A 387 -12.68 -28.73 -3.24
C LEU A 387 -11.64 -27.65 -3.51
N LEU A 388 -11.52 -26.70 -2.60
CA LEU A 388 -10.52 -25.64 -2.79
C LEU A 388 -9.12 -26.23 -2.79
N ARG A 389 -8.83 -27.16 -1.90
CA ARG A 389 -7.50 -27.75 -1.89
C ARG A 389 -7.25 -28.59 -3.13
N GLU A 390 -8.26 -29.30 -3.63
CA GLU A 390 -8.11 -30.05 -4.86
C GLU A 390 -7.78 -29.11 -6.03
N LEU A 391 -8.49 -27.99 -6.12
CA LEU A 391 -8.21 -27.04 -7.17
C LEU A 391 -6.81 -26.43 -7.04
N GLY A 392 -6.40 -26.09 -5.83
CA GLY A 392 -5.06 -25.56 -5.63
C GLY A 392 -3.98 -26.54 -6.06
N GLU A 393 -4.14 -27.80 -5.68
CA GLU A 393 -3.17 -28.84 -6.06
C GLU A 393 -3.14 -29.04 -7.57
N LYS A 394 -4.32 -29.02 -8.21
CA LYS A 394 -4.34 -29.17 -9.66
C LYS A 394 -3.64 -28.00 -10.35
N VAL A 395 -3.82 -26.79 -9.82
CA VAL A 395 -3.11 -25.63 -10.35
C VAL A 395 -1.60 -25.79 -10.15
N LYS A 396 -1.18 -26.28 -8.98
CA LYS A 396 0.24 -26.43 -8.70
C LYS A 396 0.89 -27.42 -9.66
N LYS A 397 0.24 -28.55 -9.93
CA LYS A 397 0.80 -29.59 -10.78
C LYS A 397 0.50 -29.39 -12.26
N MET A 398 -0.28 -28.37 -12.62
CA MET A 398 -0.60 -28.07 -14.01
C MET A 398 -1.25 -29.28 -14.69
N GLU A 399 -2.43 -29.64 -14.18
CA GLU A 399 -3.18 -30.78 -14.67
C GLU A 399 -4.61 -30.37 -14.99
N LYS A 400 -5.14 -30.90 -16.10
CA LYS A 400 -6.52 -30.65 -16.47
C LYS A 400 -7.46 -31.39 -15.52
N LEU A 401 -8.70 -30.90 -15.46
CA LEU A 401 -9.72 -31.54 -14.64
C LEU A 401 -10.12 -32.90 -15.20
N GLY A 402 -10.52 -33.81 -14.30
CA GLY A 402 -10.85 -35.14 -14.73
C GLY A 402 -12.20 -35.22 -15.41
N PRO A 403 -12.58 -36.45 -15.77
CA PRO A 403 -13.86 -36.66 -16.49
C PRO A 403 -15.08 -36.84 -15.60
N VAL A 404 -14.91 -36.45 -14.34
CA VAL A 404 -15.91 -36.54 -13.27
C VAL A 404 -16.18 -35.14 -12.73
N ASP A 405 -17.48 -34.84 -12.55
CA ASP A 405 -17.89 -33.56 -11.99
C ASP A 405 -17.29 -33.34 -10.62
N LEU A 406 -16.76 -32.14 -10.38
CA LEU A 406 -16.09 -31.80 -9.13
C LEU A 406 -16.95 -30.95 -8.21
N LEU A 407 -18.15 -30.56 -8.62
CA LEU A 407 -19.03 -29.70 -7.85
C LEU A 407 -20.32 -30.43 -7.46
N PHE A 408 -20.18 -31.71 -7.09
CA PHE A 408 -21.33 -32.55 -6.76
C PHE A 408 -21.51 -32.70 -5.25
N GLU A 409 -20.44 -33.03 -4.54
CA GLU A 409 -20.55 -33.26 -3.10
C GLU A 409 -20.97 -32.00 -2.36
N VAL A 410 -20.38 -30.85 -2.72
CA VAL A 410 -20.73 -29.61 -2.06
C VAL A 410 -22.18 -29.23 -2.35
N HIS A 411 -22.61 -29.46 -3.60
CA HIS A 411 -24.00 -29.18 -3.95
C HIS A 411 -24.98 -30.05 -3.17
N LEU A 412 -24.66 -31.34 -3.03
CA LEU A 412 -25.50 -32.25 -2.27
C LEU A 412 -25.56 -31.84 -0.80
N ALA A 413 -24.42 -31.43 -0.23
CA ALA A 413 -24.39 -30.98 1.15
C ALA A 413 -25.23 -29.72 1.33
N ALA A 414 -25.13 -28.77 0.40
CA ALA A 414 -25.93 -27.55 0.46
C ALA A 414 -27.41 -27.85 0.38
N GLU A 415 -27.80 -28.77 -0.50
CA GLU A 415 -29.20 -29.16 -0.60
C GLU A 415 -29.69 -29.77 0.70
N GLU A 416 -28.87 -30.62 1.32
CA GLU A 416 -29.26 -31.20 2.61
C GLU A 416 -29.42 -30.13 3.67
N LEU A 417 -28.50 -29.17 3.70
CA LEU A 417 -28.61 -28.06 4.66
C LEU A 417 -29.90 -27.28 4.42
N GLN A 418 -30.24 -27.01 3.16
CA GLN A 418 -31.47 -26.30 2.85
C GLN A 418 -32.68 -27.10 3.31
N HIS A 419 -32.68 -28.41 3.08
CA HIS A 419 -33.79 -29.23 3.55
C HIS A 419 -33.93 -29.17 5.07
N LYS A 420 -32.81 -29.30 5.78
CA LYS A 420 -32.85 -29.24 7.25
C LYS A 420 -33.36 -27.89 7.73
N ILE A 421 -32.94 -26.80 7.08
CA ILE A 421 -33.42 -25.48 7.46
C ILE A 421 -34.92 -25.37 7.22
N ASP A 422 -35.40 -25.90 6.09
CA ASP A 422 -36.83 -25.84 5.80
C ASP A 422 -37.65 -26.63 6.81
N LYS A 423 -37.12 -27.76 7.29
CA LYS A 423 -37.84 -28.62 8.23
C LYS A 423 -37.58 -28.26 9.69
N LYS A 424 -36.89 -27.13 9.94
CA LYS A 424 -36.65 -26.71 11.32
C LYS A 424 -36.81 -25.20 11.46
N SER A 425 -37.50 -24.53 10.54
CA SER A 425 -37.54 -23.07 10.55
C SER A 425 -38.28 -22.51 11.75
N TYR A 426 -39.07 -23.31 12.45
CA TYR A 426 -39.85 -22.79 13.57
C TYR A 426 -38.97 -22.32 14.72
N LEU A 427 -37.68 -22.68 14.73
CA LEU A 427 -36.79 -22.26 15.81
C LEU A 427 -36.09 -20.95 15.50
N LEU A 428 -36.39 -20.31 14.38
CA LEU A 428 -35.72 -19.08 13.97
C LEU A 428 -36.56 -17.83 14.16
N VAL A 429 -37.86 -17.91 13.93
CA VAL A 429 -38.74 -16.76 14.00
C VAL A 429 -39.87 -17.03 15.00
N ASN A 430 -40.52 -15.95 15.42
CA ASN A 430 -41.66 -16.00 16.32
C ASN A 430 -42.93 -16.02 15.47
N SER A 431 -43.60 -17.16 15.43
CA SER A 431 -44.77 -17.39 14.59
C SER A 431 -46.08 -17.25 15.37
N GLU A 432 -46.03 -16.75 16.60
CA GLU A 432 -47.22 -16.59 17.43
C GLU A 432 -47.75 -15.16 17.40
N CYS A 433 -47.23 -14.32 16.52
CA CYS A 433 -47.67 -12.94 16.38
C CYS A 433 -47.84 -12.56 14.91
N TRP A 434 -48.41 -13.47 14.13
CA TRP A 434 -48.63 -13.20 12.71
C TRP A 434 -50.02 -12.62 12.47
N LYS A 527 -39.09 -9.00 24.36
CA LYS A 527 -38.24 -7.89 23.99
C LYS A 527 -37.77 -8.03 22.54
N THR A 528 -37.17 -6.97 22.00
CA THR A 528 -36.68 -7.00 20.63
C THR A 528 -35.38 -7.77 20.51
N TYR A 529 -34.53 -7.72 21.53
CA TYR A 529 -33.25 -8.44 21.46
C TYR A 529 -33.47 -9.95 21.39
N GLU A 530 -34.43 -10.45 22.15
CA GLU A 530 -34.69 -11.89 22.15
C GLU A 530 -35.17 -12.34 20.77
N SER A 531 -36.01 -11.54 20.12
CA SER A 531 -36.51 -11.85 18.79
C SER A 531 -35.49 -11.59 17.70
N ALA A 532 -34.48 -10.75 17.96
CA ALA A 532 -33.45 -10.48 16.97
C ALA A 532 -32.23 -11.37 17.11
N SER A 533 -32.07 -12.07 18.23
CA SER A 533 -30.96 -12.98 18.42
C SER A 533 -31.18 -14.35 17.79
N ALA A 534 -32.35 -14.59 17.20
CA ALA A 534 -32.66 -15.87 16.59
C ALA A 534 -32.45 -15.89 15.09
N LEU A 535 -32.44 -14.73 14.44
CA LEU A 535 -32.21 -14.65 13.00
C LEU A 535 -30.74 -14.73 12.63
N SER A 536 -29.84 -14.75 13.61
CA SER A 536 -28.41 -14.88 13.32
C SER A 536 -28.10 -16.21 12.65
N LEU A 537 -28.77 -17.28 13.08
CA LEU A 537 -28.60 -18.58 12.43
C LEU A 537 -29.02 -18.51 10.96
N ALA A 538 -30.14 -17.85 10.69
CA ALA A 538 -30.59 -17.71 9.30
C ALA A 538 -29.57 -16.93 8.49
N THR A 539 -29.03 -15.85 9.06
CA THR A 539 -28.02 -15.07 8.36
C THR A 539 -26.78 -15.92 8.06
N PHE A 540 -26.32 -16.69 9.04
CA PHE A 540 -25.14 -17.53 8.84
C PHE A 540 -25.38 -18.58 7.77
N ALA A 541 -26.55 -19.24 7.81
CA ALA A 541 -26.86 -20.26 6.81
C ALA A 541 -26.97 -19.64 5.41
N SER A 542 -27.58 -18.47 5.31
CA SER A 542 -27.68 -17.81 4.01
C SER A 542 -26.31 -17.44 3.47
N LEU A 543 -25.42 -16.95 4.34
CA LEU A 543 -24.07 -16.62 3.90
C LEU A 543 -23.32 -17.88 3.43
N LEU A 544 -23.48 -18.98 4.16
CA LEU A 544 -22.83 -20.22 3.75
C LEU A 544 -23.36 -20.71 2.40
N ILE A 545 -24.67 -20.62 2.19
CA ILE A 545 -25.25 -21.04 0.92
C ILE A 545 -24.76 -20.15 -0.21
N GLU A 546 -24.63 -18.85 0.05
CA GLU A 546 -24.09 -17.93 -0.95
C GLU A 546 -22.65 -18.30 -1.31
N PHE A 547 -21.84 -18.62 -0.30
CA PHE A 547 -20.48 -19.06 -0.56
C PHE A 547 -20.47 -20.31 -1.43
N VAL A 548 -21.34 -21.27 -1.11
CA VAL A 548 -21.40 -22.50 -1.89
C VAL A 548 -21.80 -22.21 -3.32
N ALA A 549 -22.75 -21.29 -3.52
CA ALA A 549 -23.22 -20.98 -4.86
C ALA A 549 -22.20 -20.21 -5.68
N ARG A 550 -21.31 -19.46 -5.04
CA ARG A 550 -20.32 -18.68 -5.76
C ARG A 550 -19.10 -19.50 -6.21
N LEU A 551 -19.19 -20.83 -6.26
CA LEU A 551 -18.04 -21.67 -6.56
C LEU A 551 -17.96 -22.12 -8.02
N GLN A 552 -18.94 -21.76 -8.86
CA GLN A 552 -18.91 -22.17 -10.25
C GLN A 552 -17.99 -21.29 -11.09
N ASN A 553 -17.88 -20.01 -10.74
CA ASN A 553 -17.03 -19.10 -11.50
C ASN A 553 -15.55 -19.50 -11.38
N VAL A 554 -15.14 -20.00 -10.22
CA VAL A 554 -13.75 -20.44 -10.03
C VAL A 554 -13.45 -21.63 -10.95
N VAL A 555 -14.37 -22.59 -11.02
CA VAL A 555 -14.17 -23.76 -11.87
C VAL A 555 -14.13 -23.35 -13.34
N ASP A 556 -14.99 -22.41 -13.73
CA ASP A 556 -14.99 -21.95 -15.11
C ASP A 556 -13.67 -21.29 -15.48
N ALA A 557 -13.15 -20.44 -14.59
CA ALA A 557 -11.87 -19.77 -14.84
C ALA A 557 -10.73 -20.78 -14.93
N PHE A 558 -10.73 -21.78 -14.06
CA PHE A 558 -9.68 -22.80 -14.12
C PHE A 558 -9.71 -23.57 -15.43
N LYS A 559 -10.90 -23.92 -15.91
CA LYS A 559 -11.02 -24.62 -17.19
C LYS A 559 -10.46 -23.77 -18.33
N GLU A 560 -10.81 -22.48 -18.34
CA GLU A 560 -10.31 -21.60 -19.40
C GLU A 560 -8.80 -21.50 -19.35
N LEU A 561 -8.24 -21.37 -18.14
CA LEU A 561 -6.79 -21.24 -18.04
C LEU A 561 -6.12 -22.52 -18.55
N SER A 562 -6.62 -23.68 -18.15
CA SER A 562 -6.01 -24.93 -18.61
C SER A 562 -6.06 -25.05 -20.13
N GLN A 563 -7.05 -24.43 -20.76
CA GLN A 563 -7.14 -24.48 -22.22
C GLN A 563 -6.09 -23.59 -22.87
N LYS A 564 -5.97 -22.36 -22.38
CA LYS A 564 -5.01 -21.45 -23.01
C LYS A 564 -3.56 -21.71 -22.64
N ALA A 565 -3.30 -22.38 -21.51
CA ALA A 565 -1.94 -22.69 -21.09
C ALA A 565 -1.50 -24.11 -21.43
N ASN A 566 -2.38 -24.97 -21.93
CA ASN A 566 -1.98 -26.28 -22.42
C ASN A 566 -1.57 -27.19 -21.26
N PHE A 567 -2.45 -27.30 -20.27
CA PHE A 567 -2.20 -28.20 -19.16
C PHE A 567 -2.20 -29.66 -19.59
N LYS A 568 -1.29 -30.43 -19.02
CA LYS A 568 -1.20 -31.84 -19.41
C LYS A 568 -2.42 -32.62 -18.95
N GLU A 569 -2.77 -33.64 -19.74
CA GLU A 569 -3.92 -34.45 -19.42
C GLU A 569 -3.67 -35.23 -18.12
N PRO A 570 -4.72 -35.47 -17.32
CA PRO A 570 -4.58 -36.17 -16.05
C PRO A 570 -4.01 -37.59 -16.23
N MET B 80 -6.73 18.54 -10.08
CA MET B 80 -5.50 18.90 -10.76
C MET B 80 -5.05 20.27 -10.27
N GLY B 81 -5.89 21.26 -10.56
CA GLY B 81 -5.65 22.64 -10.16
C GLY B 81 -6.67 23.15 -9.17
N VAL B 82 -7.74 22.39 -8.94
CA VAL B 82 -8.76 22.78 -7.98
C VAL B 82 -9.00 21.71 -6.92
N SER B 83 -8.66 20.45 -7.19
CA SER B 83 -8.84 19.40 -6.20
C SER B 83 -7.96 19.64 -4.98
N ASP B 84 -6.71 20.07 -5.17
CA ASP B 84 -5.82 20.29 -4.03
C ASP B 84 -4.98 21.52 -4.31
N PRO B 85 -5.36 22.69 -3.77
CA PRO B 85 -4.55 23.90 -3.99
C PRO B 85 -3.15 23.80 -3.41
N ARG B 86 -2.95 22.99 -2.36
CA ARG B 86 -1.63 22.90 -1.74
C ARG B 86 -0.59 22.42 -2.74
N LYS B 87 -0.98 21.50 -3.64
CA LYS B 87 -0.06 20.99 -4.64
C LYS B 87 0.47 22.09 -5.55
N ILE B 88 -0.23 23.23 -5.64
CA ILE B 88 0.27 24.35 -6.44
C ILE B 88 1.17 25.28 -5.65
N VAL B 89 1.11 25.26 -4.33
CA VAL B 89 1.95 26.11 -3.48
C VAL B 89 3.27 25.42 -3.12
N PHE B 90 3.22 24.11 -2.88
CA PHE B 90 4.42 23.36 -2.53
C PHE B 90 5.45 23.46 -3.65
N SER B 91 5.03 23.13 -4.86
CA SER B 91 5.90 23.15 -6.03
C SER B 91 6.56 24.52 -6.19
N ALA B 92 5.74 25.57 -6.15
CA ALA B 92 6.25 26.94 -6.23
C ALA B 92 7.33 27.16 -5.19
N LYS B 93 7.08 26.74 -3.95
CA LYS B 93 8.08 26.87 -2.89
C LYS B 93 9.40 26.25 -3.32
N ILE B 94 9.31 25.01 -3.81
CA ILE B 94 10.49 24.32 -4.32
C ILE B 94 11.25 25.21 -5.30
N GLY B 95 10.53 25.67 -6.34
CA GLY B 95 11.16 26.52 -7.33
C GLY B 95 11.84 27.72 -6.69
N LEU B 96 11.13 28.40 -5.79
CA LEU B 96 11.67 29.55 -5.08
C LEU B 96 13.00 29.20 -4.41
N ALA B 97 13.02 28.10 -3.66
CA ALA B 97 14.24 27.67 -3.00
C ALA B 97 15.39 27.55 -4.02
N LEU B 98 15.13 26.82 -5.11
CA LEU B 98 16.15 26.66 -6.16
C LEU B 98 16.66 28.01 -6.62
N THR B 99 15.75 28.92 -6.96
CA THR B 99 16.12 30.25 -7.43
C THR B 99 17.05 30.92 -6.42
N ILE B 100 16.66 30.90 -5.14
CA ILE B 100 17.47 31.52 -4.10
C ILE B 100 18.88 30.97 -4.12
N VAL B 101 18.99 29.64 -4.18
CA VAL B 101 20.33 29.02 -4.20
C VAL B 101 21.13 29.55 -5.38
N ALA B 102 20.53 29.56 -6.56
CA ALA B 102 21.20 30.08 -7.76
C ALA B 102 21.70 31.49 -7.51
N LEU B 103 20.81 32.36 -7.03
CA LEU B 103 21.16 33.76 -6.77
C LEU B 103 22.38 33.84 -5.85
N LEU B 104 22.38 33.02 -4.79
CA LEU B 104 23.49 33.01 -3.84
C LEU B 104 24.78 32.67 -4.56
N ILE B 105 24.77 31.60 -5.36
CA ILE B 105 25.98 31.19 -6.06
C ILE B 105 26.40 32.27 -7.06
N PHE B 106 25.46 33.04 -7.57
CA PHE B 106 25.83 34.12 -8.49
C PHE B 106 26.41 35.33 -7.76
N TYR B 107 26.05 35.52 -6.49
CA TYR B 107 26.52 36.70 -5.76
C TYR B 107 27.99 36.59 -5.39
N GLN B 108 28.52 35.38 -5.23
CA GLN B 108 29.91 35.22 -4.87
C GLN B 108 30.83 35.61 -6.03
N GLU B 109 32.06 35.95 -5.70
CA GLU B 109 33.07 36.36 -6.68
C GLU B 109 33.36 35.20 -7.62
N PRO B 110 34.13 35.41 -8.68
CA PRO B 110 34.40 34.33 -9.64
C PRO B 110 35.30 33.26 -9.05
N ASN B 111 34.80 32.57 -8.03
CA ASN B 111 35.56 31.48 -7.42
C ASN B 111 35.54 30.27 -8.34
N PRO B 112 36.71 29.73 -8.71
CA PRO B 112 36.71 28.58 -9.63
C PRO B 112 36.39 27.26 -8.94
N ASP B 113 36.29 27.23 -7.62
CA ASP B 113 35.98 26.02 -6.88
C ASP B 113 34.65 26.12 -6.15
N LEU B 114 33.95 27.24 -6.26
CA LEU B 114 32.62 27.39 -5.70
C LEU B 114 31.53 27.16 -6.73
N SER B 115 31.90 26.97 -8.00
CA SER B 115 30.94 26.79 -9.08
C SER B 115 30.91 25.38 -9.63
N ARG B 116 31.97 24.59 -9.42
CA ARG B 116 32.04 23.24 -9.94
C ARG B 116 31.54 22.22 -8.93
N TYR B 117 31.34 22.62 -7.67
CA TYR B 117 30.80 21.76 -6.63
C TYR B 117 29.36 22.14 -6.31
N SER B 118 28.67 22.77 -7.26
CA SER B 118 27.31 23.24 -7.03
C SER B 118 26.24 22.21 -7.36
N VAL B 119 26.62 20.97 -7.70
CA VAL B 119 25.62 19.94 -7.95
C VAL B 119 25.17 19.29 -6.65
N TRP B 120 25.91 19.54 -5.57
CA TRP B 120 25.57 18.97 -4.28
C TRP B 120 24.54 19.83 -3.58
N ALA B 121 24.67 21.15 -3.71
CA ALA B 121 23.67 22.04 -3.14
C ALA B 121 22.32 21.80 -3.81
N ILE B 122 22.32 21.64 -5.13
CA ILE B 122 21.09 21.35 -5.86
C ILE B 122 20.51 20.02 -5.42
N LEU B 123 21.37 19.00 -5.27
CA LEU B 123 20.87 17.69 -4.84
C LEU B 123 20.26 17.77 -3.45
N THR B 124 20.90 18.49 -2.53
CA THR B 124 20.36 18.63 -1.19
C THR B 124 19.05 19.41 -1.21
N VAL B 125 18.98 20.44 -2.04
CA VAL B 125 17.78 21.26 -2.10
C VAL B 125 16.60 20.42 -2.54
N VAL B 126 16.81 19.57 -3.55
CA VAL B 126 15.69 18.78 -4.06
C VAL B 126 15.45 17.53 -3.25
N VAL B 127 16.37 17.15 -2.36
CA VAL B 127 16.22 15.92 -1.58
C VAL B 127 15.80 16.17 -0.14
N VAL B 128 15.77 17.43 0.32
CA VAL B 128 15.44 17.72 1.71
C VAL B 128 14.01 18.22 1.90
N PHE B 129 13.24 18.35 0.82
CA PHE B 129 11.88 18.87 0.91
C PHE B 129 10.88 17.76 1.21
N GLU B 130 9.95 18.04 2.13
CA GLU B 130 8.86 17.14 2.46
C GLU B 130 7.56 17.92 2.55
N PHE B 131 6.43 17.23 2.30
CA PHE B 131 5.15 17.90 2.22
C PHE B 131 4.76 18.58 3.53
N THR B 132 4.97 17.89 4.65
CA THR B 132 4.55 18.35 5.97
C THR B 132 5.77 18.67 6.82
N ILE B 133 5.50 19.42 7.90
CA ILE B 133 6.57 19.87 8.78
C ILE B 133 7.11 18.71 9.61
N GLY B 134 6.22 17.89 10.16
CA GLY B 134 6.67 16.80 11.03
C GLY B 134 7.51 15.79 10.28
N ALA B 135 7.10 15.43 9.06
CA ALA B 135 7.88 14.50 8.26
C ALA B 135 9.26 15.08 7.96
N THR B 136 9.32 16.36 7.62
CA THR B 136 10.60 17.00 7.36
C THR B 136 11.49 16.94 8.58
N LEU B 137 10.93 17.26 9.75
CA LEU B 137 11.72 17.28 10.98
C LEU B 137 12.25 15.89 11.31
N SER B 138 11.39 14.87 11.23
CA SER B 138 11.80 13.51 11.55
C SER B 138 12.88 13.04 10.57
N LYS B 139 12.67 13.28 9.26
CA LYS B 139 13.65 12.86 8.28
C LYS B 139 14.99 13.55 8.52
N GLY B 140 14.97 14.86 8.79
CA GLY B 140 16.21 15.57 9.03
C GLY B 140 16.96 15.01 10.23
N PHE B 141 16.25 14.80 11.34
CA PHE B 141 16.88 14.27 12.53
C PHE B 141 17.51 12.91 12.26
N ASN B 142 16.73 11.98 11.69
CA ASN B 142 17.23 10.64 11.44
C ASN B 142 18.42 10.66 10.50
N ARG B 143 18.32 11.43 9.42
CA ARG B 143 19.40 11.47 8.43
C ARG B 143 20.66 12.07 9.03
N ALA B 144 20.54 13.14 9.81
CA ALA B 144 21.72 13.74 10.42
C ALA B 144 22.43 12.75 11.34
N LEU B 145 21.66 12.10 12.23
CA LEU B 145 22.30 11.17 13.17
C LEU B 145 22.94 10.01 12.42
N GLY B 146 22.24 9.45 11.43
CA GLY B 146 22.79 8.32 10.69
C GLY B 146 24.00 8.70 9.87
N THR B 147 23.98 9.89 9.27
CA THR B 147 25.10 10.33 8.47
C THR B 147 26.33 10.53 9.33
N LEU B 148 26.16 11.14 10.51
CA LEU B 148 27.31 11.37 11.37
C LEU B 148 27.88 10.07 11.93
N SER B 149 27.00 9.16 12.36
CA SER B 149 27.46 7.88 12.88
C SER B 149 28.20 7.08 11.82
N ALA B 150 27.60 6.97 10.62
CA ALA B 150 28.22 6.19 9.56
C ALA B 150 29.54 6.81 9.11
N GLY B 151 29.60 8.15 9.04
CA GLY B 151 30.84 8.79 8.62
C GLY B 151 31.96 8.55 9.61
N GLY B 152 31.65 8.66 10.91
CA GLY B 152 32.68 8.41 11.90
C GLY B 152 33.16 6.97 11.89
N LEU B 153 32.21 6.03 11.83
CA LEU B 153 32.61 4.62 11.88
C LEU B 153 33.35 4.19 10.62
N ALA B 154 32.96 4.72 9.46
CA ALA B 154 33.63 4.39 8.21
C ALA B 154 34.98 5.07 8.09
N LEU B 155 35.18 6.21 8.76
CA LEU B 155 36.51 6.80 8.81
C LEU B 155 37.43 6.04 9.76
N GLY B 156 36.88 5.49 10.85
CA GLY B 156 37.71 4.72 11.76
C GLY B 156 38.03 3.32 11.28
N MET B 157 37.11 2.69 10.55
CA MET B 157 37.34 1.31 10.12
C MET B 157 38.25 1.22 8.90
N ALA B 158 38.52 2.34 8.23
CA ALA B 158 39.54 2.38 7.19
C ALA B 158 40.90 2.80 7.72
N GLU B 159 41.00 3.12 9.02
CA GLU B 159 42.29 3.35 9.68
C GLU B 159 42.69 2.25 10.65
N LEU B 160 41.76 1.42 11.12
CA LEU B 160 42.13 0.16 11.80
C LEU B 160 42.58 -0.87 10.77
N SER B 161 42.52 -0.59 9.47
CA SER B 161 42.82 -1.60 8.47
C SER B 161 44.23 -1.52 7.87
N THR B 162 44.98 -0.47 8.18
CA THR B 162 46.35 -0.25 7.77
C THR B 162 47.36 -0.78 8.79
N LEU B 163 46.90 -1.43 9.85
CA LEU B 163 47.79 -2.00 10.86
C LEU B 163 47.61 -3.50 11.03
N PHE B 164 46.84 -4.15 10.15
CA PHE B 164 46.72 -5.61 10.24
C PHE B 164 47.99 -6.34 9.83
N GLY B 165 48.85 -5.70 9.05
CA GLY B 165 50.10 -6.33 8.67
C GLY B 165 50.15 -6.79 7.23
N ASP B 166 50.51 -8.05 7.01
CA ASP B 166 50.52 -8.62 5.67
C ASP B 166 49.17 -9.14 5.23
N TRP B 167 48.21 -9.29 6.14
CA TRP B 167 46.82 -9.61 5.79
C TRP B 167 46.00 -8.34 5.53
N GLU B 168 46.52 -7.45 4.70
CA GLU B 168 45.86 -6.19 4.35
C GLU B 168 45.35 -6.20 2.92
N GLU B 169 45.34 -7.35 2.25
CA GLU B 169 44.80 -7.46 0.91
C GLU B 169 43.75 -8.55 0.76
N ILE B 170 43.59 -9.42 1.75
CA ILE B 170 42.48 -10.37 1.76
C ILE B 170 41.39 -9.80 2.66
N PHE B 171 41.79 -9.03 3.66
CA PHE B 171 40.80 -8.35 4.50
C PHE B 171 40.06 -7.25 3.73
N CYS B 172 40.77 -6.50 2.88
CA CYS B 172 40.15 -5.45 2.08
C CYS B 172 39.26 -5.96 0.96
N THR B 173 39.26 -7.27 0.73
CA THR B 173 38.42 -7.98 -0.21
C THR B 173 37.28 -8.72 0.49
N LEU B 174 37.53 -9.21 1.71
CA LEU B 174 36.46 -9.83 2.48
C LEU B 174 35.50 -8.83 3.11
N SER B 175 36.03 -7.66 3.51
CA SER B 175 35.21 -6.65 4.16
C SER B 175 34.18 -6.07 3.21
N ILE B 176 34.56 -5.84 1.95
CA ILE B 176 33.64 -5.32 0.95
C ILE B 176 32.48 -6.27 0.75
N PHE B 177 32.78 -7.57 0.62
CA PHE B 177 31.74 -8.57 0.46
C PHE B 177 30.83 -8.60 1.67
N CYS B 178 31.41 -8.60 2.88
CA CYS B 178 30.60 -8.67 4.09
C CYS B 178 29.69 -7.45 4.23
N ILE B 179 30.23 -6.27 3.95
CA ILE B 179 29.50 -5.02 4.07
C ILE B 179 28.36 -4.98 3.05
N GLY B 180 28.63 -5.39 1.82
CA GLY B 180 27.56 -5.45 0.82
C GLY B 180 26.47 -6.41 1.21
N PHE B 181 26.85 -7.59 1.72
CA PHE B 181 25.88 -8.58 2.16
C PHE B 181 25.01 -8.01 3.29
N LEU B 182 25.64 -7.38 4.27
CA LEU B 182 24.90 -6.83 5.40
C LEU B 182 23.98 -5.70 4.96
N ALA B 183 24.46 -4.82 4.08
CA ALA B 183 23.63 -3.71 3.62
C ALA B 183 22.42 -4.21 2.84
N THR B 184 22.61 -5.21 1.97
CA THR B 184 21.48 -5.76 1.23
C THR B 184 20.52 -6.49 2.17
N PHE B 185 21.05 -7.20 3.17
CA PHE B 185 20.19 -7.93 4.09
C PHE B 185 19.33 -6.98 4.91
N MET B 186 19.91 -5.87 5.37
CA MET B 186 19.17 -4.93 6.21
C MET B 186 18.07 -4.21 5.46
N LYS B 187 18.03 -4.30 4.13
CA LYS B 187 17.06 -3.56 3.34
C LYS B 187 15.82 -4.38 3.00
N LEU B 188 15.92 -5.70 2.98
CA LEU B 188 14.81 -6.56 2.57
C LEU B 188 13.80 -6.79 3.68
N TYR B 189 14.09 -6.39 4.91
CA TYR B 189 13.20 -6.62 6.03
C TYR B 189 12.54 -5.32 6.45
N PRO B 190 11.22 -5.19 6.33
CA PRO B 190 10.58 -3.93 6.72
C PRO B 190 10.79 -3.57 8.18
N SER B 191 10.99 -4.55 9.05
CA SER B 191 11.19 -4.24 10.47
C SER B 191 12.42 -3.38 10.69
N MET B 192 13.50 -3.68 9.97
CA MET B 192 14.80 -3.00 10.00
C MET B 192 14.79 -1.91 8.92
N LYS B 193 14.18 -0.78 9.26
CA LYS B 193 14.04 0.33 8.31
C LYS B 193 14.55 1.67 8.82
N ALA B 194 14.77 1.81 10.12
CA ALA B 194 15.35 3.05 10.63
C ALA B 194 16.86 3.05 10.49
N TYR B 195 17.49 1.88 10.34
CA TYR B 195 18.93 1.77 10.26
C TYR B 195 19.43 1.44 8.87
N GLU B 196 18.56 1.53 7.86
CA GLU B 196 18.99 1.24 6.49
C GLU B 196 19.88 2.36 5.95
N TYR B 197 19.52 3.61 6.22
CA TYR B 197 20.27 4.73 5.67
C TYR B 197 21.71 4.73 6.19
N GLY B 198 21.86 4.65 7.51
CA GLY B 198 23.20 4.58 8.08
C GLY B 198 24.05 3.49 7.46
N PHE B 199 23.46 2.31 7.24
CA PHE B 199 24.19 1.22 6.60
C PHE B 199 24.60 1.58 5.17
N ARG B 200 23.69 2.20 4.41
CA ARG B 200 24.05 2.59 3.05
C ARG B 200 25.20 3.59 3.05
N VAL B 201 25.15 4.57 3.95
CA VAL B 201 26.19 5.58 4.03
C VAL B 201 27.53 4.93 4.42
N PHE B 202 27.49 4.01 5.38
CA PHE B 202 28.70 3.32 5.80
C PHE B 202 29.31 2.54 4.63
N LEU B 203 28.47 1.81 3.90
CA LEU B 203 28.96 1.05 2.76
C LEU B 203 29.62 1.96 1.74
N LEU B 204 28.94 3.05 1.38
CA LEU B 204 29.46 3.98 0.38
C LEU B 204 30.80 4.56 0.81
N THR B 205 30.87 5.09 2.04
CA THR B 205 32.09 5.74 2.50
C THR B 205 33.25 4.77 2.59
N TYR B 206 33.02 3.58 3.16
CA TYR B 206 34.09 2.61 3.32
C TYR B 206 34.64 2.15 1.97
N CYS B 207 33.74 1.83 1.04
CA CYS B 207 34.19 1.37 -0.26
C CYS B 207 34.97 2.45 -0.98
N TYR B 208 34.50 3.69 -0.91
CA TYR B 208 35.21 4.77 -1.58
C TYR B 208 36.60 4.97 -1.00
N ILE B 209 36.71 5.03 0.33
CA ILE B 209 38.03 5.27 0.91
C ILE B 209 39.01 4.18 0.51
N LEU B 210 38.58 2.91 0.59
CA LEU B 210 39.50 1.83 0.22
C LEU B 210 39.89 1.86 -1.26
N ILE B 211 38.92 1.93 -2.17
CA ILE B 211 39.25 1.90 -3.60
C ILE B 211 39.96 3.16 -4.09
N SER B 212 39.78 4.30 -3.44
CA SER B 212 40.47 5.50 -3.88
C SER B 212 41.96 5.47 -3.57
N GLY B 213 42.36 5.13 -2.35
CA GLY B 213 43.75 5.21 -1.98
C GLY B 213 44.02 6.33 -1.01
N PHE B 214 42.96 6.95 -0.50
CA PHE B 214 42.99 8.10 0.38
C PHE B 214 43.53 7.80 1.77
N ARG B 215 43.82 8.88 2.48
CA ARG B 215 44.31 8.82 3.84
C ARG B 215 43.50 9.81 4.67
N THR B 216 43.37 9.51 5.97
CA THR B 216 42.54 10.32 6.86
C THR B 216 42.66 11.81 6.55
N GLY B 217 43.85 12.24 6.14
CA GLY B 217 44.06 13.65 5.88
C GLY B 217 43.65 14.10 4.50
N GLN B 218 43.67 13.18 3.54
CA GLN B 218 43.30 13.53 2.18
C GLN B 218 41.80 13.42 1.94
N PHE B 219 41.07 12.73 2.82
CA PHE B 219 39.63 12.65 2.71
C PHE B 219 38.89 13.74 3.48
N ILE B 220 39.45 14.16 4.62
CA ILE B 220 38.80 15.20 5.41
C ILE B 220 38.74 16.52 4.63
N GLU B 221 39.78 16.81 3.85
CA GLU B 221 39.79 18.05 3.08
C GLU B 221 38.68 18.06 2.04
N VAL B 222 38.49 16.93 1.35
CA VAL B 222 37.42 16.82 0.37
C VAL B 222 36.06 16.92 1.05
N ALA B 223 35.91 16.27 2.22
CA ALA B 223 34.64 16.34 2.93
C ALA B 223 34.32 17.78 3.32
N ILE B 224 35.30 18.49 3.87
CA ILE B 224 35.07 19.87 4.30
C ILE B 224 34.81 20.77 3.09
N SER B 225 35.49 20.50 1.98
CA SER B 225 35.29 21.33 0.79
C SER B 225 33.89 21.16 0.21
N ARG B 226 33.37 19.93 0.19
CA ARG B 226 32.08 19.66 -0.40
C ARG B 226 30.94 19.54 0.62
N PHE B 227 31.16 19.94 1.87
CA PHE B 227 30.06 20.00 2.82
C PHE B 227 29.53 21.40 3.05
N LEU B 228 30.27 22.44 2.63
CA LEU B 228 29.80 23.80 2.78
C LEU B 228 28.80 24.20 1.70
N LEU B 229 28.70 23.41 0.63
CA LEU B 229 27.67 23.59 -0.37
C LEU B 229 26.51 22.63 -0.15
N ILE B 230 26.63 21.77 0.87
CA ILE B 230 25.54 20.89 1.27
C ILE B 230 24.76 21.53 2.42
N ALA B 231 25.48 22.25 3.28
CA ALA B 231 24.80 22.91 4.39
C ALA B 231 24.04 24.15 3.95
N LEU B 232 24.48 24.81 2.88
CA LEU B 232 23.71 25.92 2.32
C LEU B 232 22.38 25.44 1.78
N GLY B 233 22.39 24.36 1.01
CA GLY B 233 21.15 23.81 0.48
C GLY B 233 20.25 23.29 1.59
N ALA B 234 20.83 22.66 2.61
CA ALA B 234 20.02 22.14 3.69
C ALA B 234 19.34 23.28 4.48
N GLY B 235 20.07 24.35 4.75
CA GLY B 235 19.45 25.43 5.48
C GLY B 235 18.52 26.30 4.66
N VAL B 236 18.68 26.31 3.34
CA VAL B 236 17.73 27.06 2.52
C VAL B 236 16.45 26.26 2.36
N SER B 237 16.58 24.93 2.25
CA SER B 237 15.39 24.09 2.17
C SER B 237 14.61 24.10 3.48
N LEU B 238 15.32 24.15 4.59
CA LEU B 238 14.73 24.25 5.92
C LEU B 238 14.20 25.64 6.27
N GLY B 239 14.68 26.69 5.61
CA GLY B 239 14.19 28.03 5.83
C GLY B 239 12.99 28.38 4.97
N VAL B 240 12.91 27.74 3.78
CA VAL B 240 11.80 28.03 2.86
C VAL B 240 10.58 27.14 3.09
N ASN B 241 10.60 26.28 4.10
CA ASN B 241 9.49 25.37 4.35
C ASN B 241 8.73 25.66 5.63
N MET B 242 9.40 26.17 6.67
CA MET B 242 8.78 26.39 7.96
C MET B 242 8.22 27.79 8.15
N PHE B 243 8.37 28.67 7.16
CA PHE B 243 7.95 30.05 7.31
C PHE B 243 7.18 30.62 6.12
N ILE B 244 6.95 29.82 5.07
CA ILE B 244 6.19 30.25 3.90
C ILE B 244 5.09 29.23 3.68
N TYR B 245 3.90 29.51 4.20
CA TYR B 245 2.74 28.63 4.04
C TYR B 245 3.01 27.26 4.65
N PRO B 246 3.29 27.18 5.95
CA PRO B 246 3.51 25.87 6.58
C PRO B 246 2.30 24.97 6.41
N ILE B 247 2.56 23.69 6.18
CA ILE B 247 1.52 22.68 6.03
C ILE B 247 1.65 21.68 7.16
N TRP B 248 0.56 21.47 7.90
CA TRP B 248 0.56 20.62 9.08
C TRP B 248 -0.15 19.31 8.80
N ALA B 249 0.08 18.33 9.66
CA ALA B 249 -0.51 17.00 9.52
C ALA B 249 -1.76 16.79 10.36
N GLY B 250 -1.88 17.47 11.50
CA GLY B 250 -3.08 17.33 12.32
C GLY B 250 -4.33 17.77 11.60
N GLU B 251 -4.23 18.86 10.83
CA GLU B 251 -5.34 19.30 10.01
C GLU B 251 -5.72 18.22 9.00
N ASP B 252 -4.71 17.57 8.43
CA ASP B 252 -4.96 16.47 7.49
C ASP B 252 -5.72 15.33 8.17
N LEU B 253 -5.32 14.97 9.39
CA LEU B 253 -6.00 13.91 10.10
C LEU B 253 -7.45 14.29 10.40
N HIS B 254 -7.65 15.54 10.84
CA HIS B 254 -8.99 16.03 11.11
C HIS B 254 -9.88 15.99 9.86
N ASN B 255 -9.36 16.49 8.74
CA ASN B 255 -10.14 16.47 7.50
C ASN B 255 -10.45 15.03 7.06
N LEU B 256 -9.49 14.12 7.23
CA LEU B 256 -9.73 12.73 6.86
C LEU B 256 -10.84 12.11 7.71
N VAL B 257 -10.83 12.40 9.01
CA VAL B 257 -11.88 11.86 9.89
C VAL B 257 -13.24 12.38 9.43
N VAL B 258 -13.33 13.69 9.14
CA VAL B 258 -14.60 14.25 8.70
C VAL B 258 -15.05 13.60 7.40
N LYS B 259 -14.14 13.47 6.43
CA LYS B 259 -14.52 12.88 5.16
C LYS B 259 -14.85 11.40 5.30
N ASN B 260 -14.51 10.79 6.44
CA ASN B 260 -14.77 9.37 6.58
C ASN B 260 -16.16 9.21 7.17
N PHE B 261 -16.52 10.13 8.06
CA PHE B 261 -17.88 10.09 8.59
C PHE B 261 -18.84 10.40 7.46
N MET B 262 -18.44 11.30 6.56
CA MET B 262 -19.33 11.70 5.48
C MET B 262 -19.37 10.66 4.38
N ASN B 263 -18.28 9.89 4.19
CA ASN B 263 -18.34 8.84 3.19
C ASN B 263 -19.21 7.69 3.66
N VAL B 264 -19.13 7.34 4.94
CA VAL B 264 -19.97 6.25 5.41
C VAL B 264 -21.43 6.67 5.48
N ALA B 265 -21.69 7.96 5.72
CA ALA B 265 -23.06 8.46 5.70
C ALA B 265 -23.62 8.49 4.28
N THR B 266 -22.76 8.73 3.30
CA THR B 266 -23.21 8.78 1.91
C THR B 266 -23.35 7.39 1.33
N SER B 267 -22.74 6.38 1.97
CA SER B 267 -22.87 5.03 1.41
C SER B 267 -24.04 4.23 2.01
N LEU B 268 -24.31 4.45 3.29
CA LEU B 268 -25.41 3.80 3.99
C LEU B 268 -26.75 4.13 3.32
N GLU B 269 -26.89 5.33 2.76
CA GLU B 269 -28.14 5.67 2.06
C GLU B 269 -28.22 4.99 0.70
N GLY B 270 -27.09 4.89 0.00
CA GLY B 270 -27.06 4.28 -1.30
C GLY B 270 -27.20 2.79 -1.29
N CYS B 271 -27.02 2.17 -0.13
CA CYS B 271 -27.15 0.70 -0.13
C CYS B 271 -28.60 0.29 0.02
N VAL B 272 -29.32 1.05 0.85
CA VAL B 272 -30.76 0.94 1.05
C VAL B 272 -31.48 1.31 -0.23
N ASN B 273 -31.05 2.40 -0.89
CA ASN B 273 -31.73 2.78 -2.11
C ASN B 273 -31.44 1.74 -3.20
N GLY B 274 -30.24 1.18 -3.23
CA GLY B 274 -29.95 0.14 -4.20
C GLY B 274 -30.66 -1.17 -3.94
N TYR B 275 -31.04 -1.43 -2.69
CA TYR B 275 -31.81 -2.64 -2.41
C TYR B 275 -33.30 -2.45 -2.71
N LEU B 276 -33.84 -1.27 -2.43
CA LEU B 276 -35.27 -1.05 -2.57
C LEU B 276 -35.69 -0.60 -3.96
N ARG B 277 -34.76 -0.04 -4.74
CA ARG B 277 -35.03 0.46 -6.08
C ARG B 277 -35.68 -0.58 -6.98
N CYS B 278 -35.62 -1.85 -6.61
CA CYS B 278 -36.14 -3.03 -7.33
C CYS B 278 -35.57 -4.29 -6.68
N VAL B 298 -21.80 4.08 -3.92
CA VAL B 298 -22.17 3.21 -2.80
C VAL B 298 -21.01 2.29 -2.46
N TYR B 299 -19.84 2.61 -3.00
CA TYR B 299 -18.61 1.87 -2.71
C TYR B 299 -17.48 2.78 -2.23
N LYS B 300 -17.53 4.07 -2.56
CA LYS B 300 -16.49 5.03 -2.23
C LYS B 300 -16.46 5.36 -0.75
N GLY B 301 -17.53 5.06 -0.02
CA GLY B 301 -17.61 5.47 1.37
C GLY B 301 -17.18 4.36 2.29
N TYR B 302 -17.32 3.11 1.84
CA TYR B 302 -16.92 1.99 2.68
C TYR B 302 -15.60 1.41 2.23
N ARG B 303 -15.06 1.86 1.09
CA ARG B 303 -13.77 1.39 0.59
C ARG B 303 -12.68 2.44 0.70
N SER B 304 -12.96 3.54 1.40
CA SER B 304 -12.01 4.58 1.75
C SER B 304 -11.76 4.65 3.25
N ALA B 305 -12.72 4.24 4.07
CA ALA B 305 -12.56 4.25 5.52
C ALA B 305 -11.74 3.08 6.05
N VAL B 306 -11.84 1.93 5.40
CA VAL B 306 -11.16 0.70 5.80
C VAL B 306 -9.70 0.66 5.41
N GLU B 307 -9.34 1.44 4.39
CA GLU B 307 -7.96 1.50 3.94
C GLU B 307 -7.24 2.71 4.51
N SER B 308 -7.93 3.48 5.33
CA SER B 308 -7.35 4.69 5.92
C SER B 308 -6.85 4.49 7.32
N THR B 309 -6.27 3.35 7.63
CA THR B 309 -5.66 3.17 8.94
C THR B 309 -4.16 3.44 8.91
N SER B 310 -3.48 2.95 7.87
CA SER B 310 -2.05 3.22 7.74
C SER B 310 -1.78 4.71 7.56
N GLN B 311 -2.61 5.38 6.76
CA GLN B 311 -2.46 6.83 6.57
C GLN B 311 -2.67 7.57 7.87
N GLU B 312 -3.67 7.17 8.66
CA GLU B 312 -3.91 7.82 9.95
C GLU B 312 -2.72 7.60 10.88
N GLU B 313 -2.18 6.38 10.90
CA GLU B 313 -1.02 6.13 11.75
C GLU B 313 0.17 6.98 11.33
N SER B 314 0.42 7.07 10.02
CA SER B 314 1.52 7.89 9.52
C SER B 314 1.31 9.37 9.84
N LEU B 315 0.08 9.85 9.68
CA LEU B 315 -0.21 11.25 9.98
C LEU B 315 -0.01 11.53 11.47
N MET B 316 -0.44 10.60 12.33
CA MET B 316 -0.23 10.76 13.76
C MET B 316 1.26 10.78 14.09
N SER B 317 2.03 9.89 13.49
CA SER B 317 3.46 9.87 13.73
C SER B 317 4.12 11.17 13.31
N PHE B 318 3.71 11.71 12.17
CA PHE B 318 4.24 13.00 11.71
C PHE B 318 3.82 14.14 12.63
N ALA B 319 2.57 14.12 13.11
CA ALA B 319 2.07 15.23 13.92
C ALA B 319 2.71 15.29 15.30
N ILE B 320 3.18 14.16 15.82
CA ILE B 320 3.80 14.13 17.14
C ILE B 320 5.15 14.85 17.11
N TRP B 321 5.52 15.36 15.93
CA TRP B 321 6.79 16.05 15.74
C TRP B 321 6.56 17.51 15.38
N GLU B 322 5.47 18.09 15.85
CA GLU B 322 5.11 19.45 15.49
C GLU B 322 4.88 20.30 16.74
N PRO B 323 5.07 21.60 16.65
CA PRO B 323 4.89 22.46 17.81
C PRO B 323 3.47 22.97 17.93
N PRO B 324 3.09 23.50 19.09
CA PRO B 324 1.73 24.04 19.23
C PRO B 324 1.46 25.13 18.21
N HIS B 325 0.22 25.17 17.71
CA HIS B 325 -0.15 26.14 16.69
C HIS B 325 -1.66 26.20 16.55
N GLY B 326 -2.15 27.40 16.25
CA GLY B 326 -3.54 27.60 15.91
C GLY B 326 -4.50 27.07 16.95
N PRO B 327 -5.54 26.36 16.49
CA PRO B 327 -6.54 25.81 17.42
C PRO B 327 -6.05 24.62 18.22
N TYR B 328 -4.79 24.22 18.07
CA TYR B 328 -4.21 23.07 18.75
C TYR B 328 -3.12 23.62 19.66
N LYS B 329 -3.50 23.98 20.88
CA LYS B 329 -2.59 24.63 21.82
C LYS B 329 -2.33 23.66 22.97
N SER B 330 -1.21 22.95 22.87
CA SER B 330 -0.78 22.08 23.95
C SER B 330 0.52 21.37 23.59
N PHE B 331 1.30 20.98 24.61
CA PHE B 331 2.54 20.25 24.35
C PHE B 331 2.33 18.75 24.29
N ASN B 332 1.20 18.24 24.79
CA ASN B 332 0.82 16.84 24.61
C ASN B 332 -0.63 16.83 24.10
N TYR B 333 -0.78 16.98 22.78
CA TYR B 333 -2.12 16.99 22.20
C TYR B 333 -2.58 15.56 21.92
N PRO B 334 -3.76 15.16 22.35
CA PRO B 334 -4.20 13.78 22.11
C PRO B 334 -4.54 13.52 20.66
N TRP B 335 -3.69 12.75 19.96
CA TRP B 335 -3.94 12.39 18.56
C TRP B 335 -4.43 10.96 18.39
N LYS B 336 -4.06 10.06 19.30
CA LYS B 336 -4.58 8.70 19.32
C LYS B 336 -6.07 8.66 19.65
N ASN B 337 -6.60 9.69 20.31
CA ASN B 337 -8.04 9.80 20.50
C ASN B 337 -8.78 10.15 19.22
N TYR B 338 -8.10 10.76 18.25
CA TYR B 338 -8.67 10.94 16.92
C TYR B 338 -8.61 9.64 16.11
N VAL B 339 -7.54 8.87 16.29
CA VAL B 339 -7.36 7.61 15.60
C VAL B 339 -8.38 6.58 16.11
N LYS B 340 -8.68 6.63 17.41
CA LYS B 340 -9.60 5.66 18.00
C LYS B 340 -11.00 5.82 17.42
N LEU B 341 -11.41 7.07 17.17
CA LEU B 341 -12.74 7.31 16.62
C LEU B 341 -12.87 6.71 15.23
N SER B 342 -11.86 6.89 14.38
CA SER B 342 -11.88 6.27 13.06
C SER B 342 -11.86 4.75 13.17
N GLY B 343 -11.08 4.22 14.12
CA GLY B 343 -11.08 2.79 14.34
C GLY B 343 -12.45 2.27 14.73
N ALA B 344 -13.16 3.03 15.56
CA ALA B 344 -14.52 2.62 15.89
C ALA B 344 -15.44 2.72 14.67
N LEU B 345 -15.30 3.77 13.86
CA LEU B 345 -16.18 3.89 12.70
C LEU B 345 -15.94 2.79 11.67
N LYS B 346 -14.70 2.31 11.57
CA LYS B 346 -14.40 1.25 10.60
C LYS B 346 -15.21 -0.01 10.93
N HIS B 347 -15.45 -0.28 12.21
CA HIS B 347 -16.21 -1.46 12.58
C HIS B 347 -17.61 -1.43 11.98
N CYS B 348 -18.23 -0.25 11.96
CA CYS B 348 -19.54 -0.09 11.32
C CYS B 348 -19.41 -0.11 9.80
N ALA B 349 -18.32 0.45 9.27
CA ALA B 349 -18.13 0.43 7.82
C ALA B 349 -18.05 -0.99 7.30
N PHE B 350 -17.57 -1.92 8.12
CA PHE B 350 -17.58 -3.33 7.73
C PHE B 350 -19.01 -3.85 7.54
N THR B 351 -19.93 -3.42 8.41
CA THR B 351 -21.32 -3.81 8.26
C THR B 351 -21.93 -3.19 7.00
N VAL B 352 -21.56 -1.95 6.71
CA VAL B 352 -22.01 -1.33 5.46
C VAL B 352 -21.44 -2.09 4.28
N MET B 353 -20.21 -2.58 4.40
CA MET B 353 -19.60 -3.41 3.36
C MET B 353 -20.44 -4.65 3.10
N ALA B 354 -20.83 -5.35 4.18
CA ALA B 354 -21.65 -6.55 4.03
C ALA B 354 -23.01 -6.21 3.40
N LEU B 355 -23.60 -5.10 3.81
CA LEU B 355 -24.89 -4.68 3.26
C LEU B 355 -24.78 -4.44 1.76
N HIS B 356 -23.72 -3.76 1.31
CA HIS B 356 -23.55 -3.56 -0.12
C HIS B 356 -23.31 -4.88 -0.84
N GLY B 357 -22.50 -5.75 -0.25
CA GLY B 357 -22.23 -7.04 -0.85
C GLY B 357 -23.45 -7.93 -0.96
N CYS B 358 -24.46 -7.70 -0.13
CA CYS B 358 -25.69 -8.48 -0.27
C CYS B 358 -26.33 -8.31 -1.64
N ILE B 359 -26.19 -7.12 -2.23
CA ILE B 359 -26.81 -6.73 -3.50
C ILE B 359 -26.15 -7.41 -4.69
N LEU B 360 -25.00 -8.03 -4.49
CA LEU B 360 -24.21 -8.62 -5.57
C LEU B 360 -24.11 -10.14 -5.47
N SER B 361 -25.22 -10.79 -5.14
CA SER B 361 -25.27 -12.24 -4.97
C SER B 361 -26.06 -12.89 -6.09
N GLU B 362 -25.76 -14.18 -6.31
CA GLU B 362 -26.53 -14.96 -7.29
C GLU B 362 -27.94 -15.22 -6.82
N ILE B 363 -28.14 -15.40 -5.51
CA ILE B 363 -29.46 -15.67 -4.95
C ILE B 363 -30.07 -14.34 -4.51
N GLN B 364 -31.19 -13.98 -5.13
CA GLN B 364 -31.88 -12.73 -4.84
C GLN B 364 -33.36 -13.00 -4.62
N ALA B 365 -33.97 -12.18 -3.77
CA ALA B 365 -35.38 -12.28 -3.45
C ALA B 365 -36.21 -11.48 -4.44
N PRO B 366 -37.51 -11.79 -4.55
CA PRO B 366 -38.35 -11.04 -5.47
C PRO B 366 -38.69 -9.66 -4.93
N GLU B 367 -38.94 -8.75 -5.86
CA GLU B 367 -39.26 -7.37 -5.50
C GLU B 367 -40.56 -7.29 -4.70
N GLU B 368 -41.56 -8.08 -5.09
CA GLU B 368 -42.85 -8.03 -4.41
C GLU B 368 -42.72 -8.43 -2.94
N ARG B 369 -41.73 -9.26 -2.60
CA ARG B 369 -41.54 -9.68 -1.22
C ARG B 369 -40.73 -8.68 -0.41
N ARG B 370 -39.83 -7.94 -1.07
CA ARG B 370 -39.01 -6.92 -0.44
C ARG B 370 -39.68 -5.55 -0.44
N GLN B 371 -40.83 -5.39 -1.09
CA GLN B 371 -41.55 -4.12 -1.09
C GLN B 371 -42.49 -3.95 0.11
N VAL B 372 -42.51 -4.92 1.03
CA VAL B 372 -43.32 -4.82 2.24
C VAL B 372 -42.62 -4.06 3.36
N PHE B 373 -41.29 -4.04 3.38
CA PHE B 373 -40.53 -3.37 4.43
C PHE B 373 -39.87 -2.09 3.95
N ARG B 374 -40.34 -1.52 2.86
CA ARG B 374 -39.69 -0.32 2.31
C ARG B 374 -39.76 0.85 3.30
N GLN B 375 -40.95 1.09 3.84
CA GLN B 375 -41.11 2.25 4.72
C GLN B 375 -40.37 2.07 6.03
N GLU B 376 -40.21 0.82 6.50
CA GLU B 376 -39.44 0.58 7.71
C GLU B 376 -37.94 0.75 7.46
N LEU B 377 -37.46 0.30 6.31
CA LEU B 377 -36.03 0.39 6.01
C LEU B 377 -35.61 1.82 5.72
N GLN B 378 -36.47 2.60 5.08
CA GLN B 378 -36.11 3.97 4.71
C GLN B 378 -35.82 4.82 5.94
N ARG B 379 -36.63 4.67 6.99
CA ARG B 379 -36.44 5.49 8.18
C ARG B 379 -35.09 5.22 8.84
N VAL B 380 -34.72 3.94 8.97
CA VAL B 380 -33.42 3.61 9.54
C VAL B 380 -32.31 4.13 8.62
N GLY B 381 -32.46 3.93 7.32
CA GLY B 381 -31.44 4.39 6.40
C GLY B 381 -31.24 5.89 6.42
N VAL B 382 -32.27 6.64 6.80
CA VAL B 382 -32.13 8.09 6.91
C VAL B 382 -31.60 8.50 8.28
N GLU B 383 -32.09 7.87 9.35
CA GLU B 383 -31.66 8.20 10.70
C GLU B 383 -30.18 7.92 10.89
N GLY B 384 -29.70 6.78 10.39
CA GLY B 384 -28.29 6.47 10.54
C GLY B 384 -27.41 7.52 9.89
N ALA B 385 -27.74 7.90 8.65
CA ALA B 385 -26.98 8.92 7.94
C ALA B 385 -27.04 10.28 8.66
N LYS B 386 -28.22 10.63 9.17
CA LYS B 386 -28.37 11.90 9.88
C LYS B 386 -27.47 11.93 11.11
N LEU B 387 -27.45 10.84 11.87
CA LEU B 387 -26.62 10.78 13.07
C LEU B 387 -25.15 10.84 12.71
N LEU B 388 -24.75 10.13 11.66
CA LEU B 388 -23.34 10.16 11.25
C LEU B 388 -22.95 11.57 10.82
N ARG B 389 -23.82 12.25 10.06
CA ARG B 389 -23.48 13.61 9.63
C ARG B 389 -23.45 14.57 10.81
N GLU B 390 -24.35 14.39 11.78
CA GLU B 390 -24.30 15.24 12.97
C GLU B 390 -23.00 15.05 13.72
N LEU B 391 -22.56 13.80 13.89
CA LEU B 391 -21.29 13.55 14.55
C LEU B 391 -20.10 14.12 13.78
N GLY B 392 -20.11 13.98 12.45
CA GLY B 392 -19.03 14.55 11.66
C GLY B 392 -18.96 16.06 11.79
N GLU B 393 -20.11 16.73 11.74
CA GLU B 393 -20.14 18.18 11.89
C GLU B 393 -19.68 18.61 13.28
N LYS B 394 -20.09 17.87 14.32
CA LYS B 394 -19.63 18.22 15.67
C LYS B 394 -18.12 18.06 15.78
N VAL B 395 -17.56 17.02 15.16
CA VAL B 395 -16.11 16.85 15.15
C VAL B 395 -15.44 18.00 14.42
N LYS B 396 -16.02 18.42 13.29
CA LYS B 396 -15.42 19.49 12.50
C LYS B 396 -15.38 20.80 13.29
N LYS B 397 -16.46 21.13 13.99
CA LYS B 397 -16.55 22.39 14.72
C LYS B 397 -15.99 22.30 16.14
N MET B 398 -15.57 21.12 16.59
CA MET B 398 -14.99 20.95 17.91
C MET B 398 -15.96 21.40 19.00
N GLU B 399 -17.09 20.70 19.06
CA GLU B 399 -18.15 21.03 20.01
C GLU B 399 -18.56 19.78 20.79
N LYS B 400 -18.81 19.96 22.08
CA LYS B 400 -19.27 18.86 22.92
C LYS B 400 -20.72 18.51 22.57
N LEU B 401 -21.09 17.28 22.91
CA LEU B 401 -22.46 16.82 22.69
C LEU B 401 -23.45 17.55 23.60
N GLY B 402 -24.69 17.72 23.10
CA GLY B 402 -25.68 18.45 23.85
C GLY B 402 -26.23 17.65 25.02
N PRO B 403 -27.19 18.27 25.72
CA PRO B 403 -27.78 17.62 26.90
C PRO B 403 -28.97 16.70 26.62
N VAL B 404 -29.09 16.34 25.34
CA VAL B 404 -30.14 15.49 24.79
C VAL B 404 -29.50 14.26 24.16
N ASP B 405 -30.10 13.10 24.44
CA ASP B 405 -29.64 11.83 23.88
C ASP B 405 -29.67 11.88 22.35
N LEU B 406 -28.60 11.40 21.73
CA LEU B 406 -28.47 11.43 20.27
C LEU B 406 -28.71 10.08 19.62
N LEU B 407 -28.96 9.03 20.40
CA LEU B 407 -29.15 7.68 19.89
C LEU B 407 -30.56 7.18 20.18
N PHE B 408 -31.54 8.07 20.03
CA PHE B 408 -32.94 7.75 20.32
C PHE B 408 -33.75 7.45 19.07
N GLU B 409 -33.65 8.32 18.05
CA GLU B 409 -34.44 8.13 16.85
C GLU B 409 -34.07 6.85 16.12
N VAL B 410 -32.77 6.57 16.00
CA VAL B 410 -32.33 5.36 15.31
C VAL B 410 -32.78 4.12 16.09
N HIS B 411 -32.70 4.19 17.42
CA HIS B 411 -33.16 3.06 18.25
C HIS B 411 -34.65 2.81 18.07
N LEU B 412 -35.45 3.87 18.05
CA LEU B 412 -36.89 3.74 17.86
C LEU B 412 -37.20 3.16 16.48
N ALA B 413 -36.48 3.61 15.46
CA ALA B 413 -36.67 3.07 14.11
C ALA B 413 -36.32 1.59 14.04
N ALA B 414 -35.22 1.20 14.69
CA ALA B 414 -34.82 -0.21 14.71
C ALA B 414 -35.86 -1.06 15.42
N GLU B 415 -36.40 -0.57 16.53
CA GLU B 415 -37.44 -1.29 17.25
C GLU B 415 -38.68 -1.47 16.38
N GLU B 416 -39.06 -0.41 15.65
CA GLU B 416 -40.21 -0.53 14.75
C GLU B 416 -39.94 -1.55 13.66
N LEU B 417 -38.73 -1.55 13.09
CA LEU B 417 -38.39 -2.55 12.09
C LEU B 417 -38.47 -3.96 12.66
N GLN B 418 -37.97 -4.15 13.88
CA GLN B 418 -38.04 -5.47 14.51
C GLN B 418 -39.50 -5.88 14.73
N HIS B 419 -40.34 -4.95 15.17
CA HIS B 419 -41.75 -5.28 15.33
C HIS B 419 -42.38 -5.70 13.99
N LYS B 420 -42.12 -4.94 12.93
CA LYS B 420 -42.68 -5.26 11.62
C LYS B 420 -42.19 -6.63 11.14
N ILE B 421 -40.91 -6.93 11.36
CA ILE B 421 -40.39 -8.24 10.97
C ILE B 421 -41.08 -9.34 11.76
N ASP B 422 -41.29 -9.13 13.06
CA ASP B 422 -41.95 -10.16 13.87
C ASP B 422 -43.38 -10.38 13.43
N LYS B 423 -44.08 -9.34 13.00
CA LYS B 423 -45.48 -9.44 12.58
C LYS B 423 -45.64 -9.77 11.10
N LYS B 424 -44.55 -10.07 10.40
CA LYS B 424 -44.64 -10.43 8.99
C LYS B 424 -43.71 -11.59 8.64
N SER B 425 -43.26 -12.36 9.63
CA SER B 425 -42.23 -13.37 9.37
C SER B 425 -42.72 -14.51 8.48
N TYR B 426 -44.04 -14.66 8.30
CA TYR B 426 -44.54 -15.77 7.51
C TYR B 426 -44.15 -15.65 6.04
N LEU B 427 -43.69 -14.49 5.59
CA LEU B 427 -43.30 -14.32 4.20
C LEU B 427 -41.83 -14.64 3.96
N LEU B 428 -41.09 -15.08 4.97
CA LEU B 428 -39.66 -15.35 4.85
C LEU B 428 -39.32 -16.83 4.79
N VAL B 429 -40.04 -17.67 5.52
CA VAL B 429 -39.74 -19.10 5.59
C VAL B 429 -40.97 -19.90 5.19
N ASN B 430 -40.73 -21.16 4.86
CA ASN B 430 -41.79 -22.12 4.52
C ASN B 430 -42.18 -22.87 5.79
N SER B 431 -43.38 -22.57 6.30
CA SER B 431 -43.88 -23.11 7.54
C SER B 431 -44.84 -24.29 7.34
N GLU B 432 -44.94 -24.81 6.12
CA GLU B 432 -45.83 -25.91 5.79
C GLU B 432 -45.11 -27.25 5.78
N CYS B 433 -43.85 -27.29 6.23
CA CYS B 433 -43.05 -28.50 6.27
C CYS B 433 -42.31 -28.62 7.60
N TRP B 434 -42.96 -28.28 8.69
CA TRP B 434 -42.35 -28.36 10.01
C TRP B 434 -42.63 -29.71 10.67
N LYS B 527 -38.45 -26.41 -5.01
CA LYS B 527 -37.00 -26.48 -5.20
C LYS B 527 -36.27 -25.79 -4.06
N THR B 528 -34.96 -25.98 -4.00
CA THR B 528 -34.15 -25.36 -2.94
C THR B 528 -33.91 -23.88 -3.21
N TYR B 529 -33.79 -23.47 -4.47
CA TYR B 529 -33.55 -22.08 -4.78
C TYR B 529 -34.72 -21.21 -4.36
N GLU B 530 -35.95 -21.69 -4.58
CA GLU B 530 -37.12 -20.91 -4.22
C GLU B 530 -37.19 -20.70 -2.70
N SER B 531 -36.83 -21.73 -1.93
CA SER B 531 -36.83 -21.65 -0.48
C SER B 531 -35.61 -20.88 0.06
N ALA B 532 -34.54 -20.77 -0.73
CA ALA B 532 -33.36 -20.05 -0.29
C ALA B 532 -33.35 -18.58 -0.73
N SER B 533 -34.20 -18.20 -1.68
CA SER B 533 -34.29 -16.82 -2.12
C SER B 533 -35.17 -15.96 -1.22
N ALA B 534 -35.77 -16.54 -0.19
CA ALA B 534 -36.64 -15.78 0.72
C ALA B 534 -35.94 -15.35 1.99
N LEU B 535 -34.83 -15.99 2.36
CA LEU B 535 -34.09 -15.64 3.56
C LEU B 535 -33.15 -14.46 3.32
N SER B 536 -33.04 -13.97 2.08
CA SER B 536 -32.19 -12.81 1.82
C SER B 536 -32.72 -11.57 2.53
N LEU B 537 -34.04 -11.40 2.60
CA LEU B 537 -34.61 -10.29 3.36
C LEU B 537 -34.23 -10.38 4.83
N ALA B 538 -34.30 -11.58 5.41
CA ALA B 538 -33.90 -11.75 6.80
C ALA B 538 -32.44 -11.39 6.99
N THR B 539 -31.58 -11.84 6.07
CA THR B 539 -30.16 -11.50 6.17
C THR B 539 -29.95 -9.99 6.12
N PHE B 540 -30.62 -9.32 5.18
CA PHE B 540 -30.46 -7.87 5.05
C PHE B 540 -30.94 -7.14 6.30
N ALA B 541 -32.09 -7.55 6.83
CA ALA B 541 -32.61 -6.92 8.04
C ALA B 541 -31.68 -7.15 9.23
N SER B 542 -31.15 -8.37 9.37
CA SER B 542 -30.22 -8.65 10.45
C SER B 542 -28.96 -7.81 10.34
N LEU B 543 -28.44 -7.65 9.11
CA LEU B 543 -27.26 -6.82 8.92
C LEU B 543 -27.55 -5.37 9.28
N LEU B 544 -28.71 -4.87 8.88
CA LEU B 544 -29.07 -3.49 9.22
C LEU B 544 -29.20 -3.30 10.73
N ILE B 545 -29.80 -4.27 11.42
CA ILE B 545 -29.94 -4.17 12.86
C ILE B 545 -28.57 -4.22 13.54
N GLU B 546 -27.67 -5.04 13.01
CA GLU B 546 -26.30 -5.09 13.54
C GLU B 546 -25.60 -3.75 13.37
N PHE B 547 -25.77 -3.13 12.19
CA PHE B 547 -25.19 -1.81 11.97
C PHE B 547 -25.76 -0.82 12.99
N VAL B 548 -27.07 -0.84 13.20
CA VAL B 548 -27.68 0.08 14.15
C VAL B 548 -27.12 -0.15 15.55
N ALA B 549 -26.93 -1.41 15.93
CA ALA B 549 -26.47 -1.73 17.27
C ALA B 549 -25.00 -1.35 17.47
N ARG B 550 -24.20 -1.34 16.41
CA ARG B 550 -22.78 -1.02 16.53
C ARG B 550 -22.51 0.49 16.61
N LEU B 551 -23.49 1.32 16.92
CA LEU B 551 -23.32 2.78 16.90
C LEU B 551 -23.02 3.39 18.26
N GLN B 552 -23.00 2.59 19.33
CA GLN B 552 -22.72 3.14 20.65
C GLN B 552 -21.24 3.37 20.89
N ASN B 553 -20.39 2.52 20.30
CA ASN B 553 -18.94 2.66 20.48
C ASN B 553 -18.44 3.97 19.88
N VAL B 554 -19.00 4.39 18.74
CA VAL B 554 -18.61 5.65 18.12
C VAL B 554 -18.93 6.83 19.04
N VAL B 555 -20.12 6.83 19.64
CA VAL B 555 -20.51 7.91 20.54
C VAL B 555 -19.61 7.92 21.77
N ASP B 556 -19.28 6.74 22.29
CA ASP B 556 -18.41 6.67 23.46
C ASP B 556 -17.03 7.25 23.15
N ALA B 557 -16.47 6.89 22.00
CA ALA B 557 -15.16 7.41 21.60
C ALA B 557 -15.19 8.93 21.41
N PHE B 558 -16.25 9.45 20.81
CA PHE B 558 -16.36 10.90 20.63
C PHE B 558 -16.42 11.62 21.96
N LYS B 559 -17.17 11.08 22.92
CA LYS B 559 -17.23 11.71 24.25
C LYS B 559 -15.85 11.74 24.91
N GLU B 560 -15.12 10.62 24.83
CA GLU B 560 -13.79 10.58 25.43
C GLU B 560 -12.86 11.60 24.76
N LEU B 561 -12.92 11.69 23.44
CA LEU B 561 -12.05 12.63 22.75
C LEU B 561 -12.37 14.05 23.18
N SER B 562 -13.66 14.40 23.22
CA SER B 562 -14.02 15.76 23.62
C SER B 562 -13.54 16.09 25.03
N GLN B 563 -13.42 15.07 25.88
CA GLN B 563 -12.92 15.30 27.24
C GLN B 563 -11.43 15.57 27.25
N LYS B 564 -10.67 14.75 26.54
CA LYS B 564 -9.23 14.94 26.57
C LYS B 564 -8.73 16.09 25.71
N ALA B 565 -9.50 16.52 24.72
CA ALA B 565 -9.11 17.64 23.86
C ALA B 565 -9.74 18.97 24.24
N ASN B 566 -10.66 18.99 25.20
CA ASN B 566 -11.19 20.26 25.72
C ASN B 566 -12.06 20.95 24.68
N PHE B 567 -13.03 20.21 24.15
CA PHE B 567 -13.97 20.79 23.21
C PHE B 567 -14.85 21.86 23.87
N LYS B 568 -15.12 22.93 23.13
CA LYS B 568 -15.91 24.02 23.70
C LYS B 568 -17.35 23.58 23.90
N GLU B 569 -17.98 24.15 24.93
CA GLU B 569 -19.35 23.81 25.24
C GLU B 569 -20.28 24.28 24.12
N PRO B 570 -21.36 23.55 23.85
CA PRO B 570 -22.29 23.89 22.78
C PRO B 570 -22.92 25.28 22.97
#